data_7XR8
#
_entry.id   7XR8
#
_cell.length_a   79.617
_cell.length_b   76.657
_cell.length_c   84.314
_cell.angle_alpha   90.000
_cell.angle_beta   96.820
_cell.angle_gamma   90.000
#
_symmetry.space_group_name_H-M   'P 1 21 1'
#
loop_
_entity.id
_entity.type
_entity.pdbx_description
1 polymer 'Major intracellular serine protease'
2 water water
#
_entity_poly.entity_id   1
_entity_poly.type   'polypeptide(L)'
_entity_poly.pdbx_seq_one_letter_code
;MENTIRLIPFKIEEKLESVKEIPEGVNMVQAPEIWKEGIRGKDIVIAVIDTGCDRDHPDLKDRIIGGRNFTTDDNGDVDN
YSDYNGHGTHVAGTIAATENDQGVVGVAPEAKLLILKVLANDPNNPGSATGKYEWIVNAINYAIDQKVDIISMSLGGPSD
VPELHQAVKRAVENNILVVCAAGNEGDGNERTEELSYPAAYNEVISVGAISLDGQISRFTNSNKEIDVVAPGEKILSTIP
GGKFAVFSGTSMATPHVSGALALIKQLSEKEFERNLTEPELYAQLIKRTMPLGFPKALEGNGLVYLTAPNLLSRHYEKTQ
VSSILVPR
;
_entity_poly.pdbx_strand_id   A,B,C,D
#
# COMPACT_ATOMS: atom_id res chain seq x y z
N THR A 4 -2.71 -23.53 7.90
CA THR A 4 -3.86 -24.05 7.19
C THR A 4 -4.55 -22.96 6.32
N ILE A 5 -5.22 -23.38 5.25
CA ILE A 5 -5.89 -22.47 4.33
C ILE A 5 -7.35 -22.33 4.73
N ARG A 6 -7.86 -21.11 4.72
CA ARG A 6 -9.22 -20.82 5.13
C ARG A 6 -9.99 -20.12 4.00
N LEU A 7 -11.26 -20.43 3.89
CA LEU A 7 -12.19 -19.67 3.06
C LEU A 7 -12.33 -18.25 3.59
N ILE A 8 -12.39 -17.27 2.69
CA ILE A 8 -12.59 -15.87 3.11
C ILE A 8 -13.98 -15.74 3.74
N PRO A 9 -14.14 -14.98 4.82
CA PRO A 9 -15.45 -14.89 5.48
C PRO A 9 -16.54 -14.33 4.56
N PHE A 10 -17.78 -14.77 4.78
CA PHE A 10 -18.91 -14.23 4.04
C PHE A 10 -20.18 -14.36 4.88
N LYS A 11 -21.20 -13.62 4.46
CA LYS A 11 -22.47 -13.53 5.18
C LYS A 11 -23.61 -13.98 4.28
N ILE A 12 -24.49 -14.83 4.81
CA ILE A 12 -25.69 -15.25 4.10
C ILE A 12 -26.82 -14.29 4.43
N GLU A 13 -27.37 -13.63 3.41
CA GLU A 13 -28.39 -12.60 3.64
C GLU A 13 -29.81 -13.16 3.59
N GLU A 14 -30.08 -14.05 2.64
CA GLU A 14 -31.40 -14.64 2.48
C GLU A 14 -31.29 -15.82 1.54
N LYS A 15 -32.19 -16.78 1.73
CA LYS A 15 -32.30 -17.93 0.85
C LYS A 15 -33.66 -17.86 0.18
N LEU A 16 -33.71 -18.28 -1.08
CA LEU A 16 -34.90 -18.18 -1.90
C LEU A 16 -35.15 -19.52 -2.57
N GLU A 17 -36.43 -19.89 -2.70
CA GLU A 17 -36.76 -21.17 -3.32
C GLU A 17 -36.65 -21.10 -4.84
N SER A 18 -37.06 -20.00 -5.44
CA SER A 18 -37.06 -19.90 -6.89
C SER A 18 -36.84 -18.45 -7.30
N VAL A 19 -36.30 -18.27 -8.49
CA VAL A 19 -36.04 -16.94 -9.02
C VAL A 19 -35.88 -17.09 -10.53
N LYS A 20 -36.02 -15.98 -11.23
CA LYS A 20 -35.72 -15.91 -12.67
C LYS A 20 -35.20 -14.51 -12.93
N GLU A 21 -33.88 -14.35 -12.91
CA GLU A 21 -33.33 -13.04 -13.20
C GLU A 21 -31.85 -13.16 -13.55
N ILE A 22 -31.32 -12.07 -14.10
CA ILE A 22 -29.88 -11.86 -14.21
C ILE A 22 -29.42 -11.14 -12.95
N PRO A 23 -28.51 -11.73 -12.16
CA PRO A 23 -28.09 -11.05 -10.93
C PRO A 23 -27.46 -9.69 -11.22
N GLU A 24 -27.67 -8.77 -10.28
CA GLU A 24 -27.24 -7.39 -10.52
C GLU A 24 -25.73 -7.30 -10.68
N GLY A 25 -24.96 -8.13 -9.99
CA GLY A 25 -23.51 -8.09 -10.15
C GLY A 25 -23.09 -8.45 -11.56
N VAL A 26 -23.79 -9.41 -12.16
CA VAL A 26 -23.51 -9.78 -13.55
C VAL A 26 -23.79 -8.62 -14.48
N ASN A 27 -24.91 -7.93 -14.27
CA ASN A 27 -25.22 -6.72 -15.03
C ASN A 27 -24.15 -5.65 -14.81
N MET A 28 -23.70 -5.50 -13.58
CA MET A 28 -22.86 -4.36 -13.26
C MET A 28 -21.52 -4.43 -13.98
N VAL A 29 -20.96 -5.64 -14.15
CA VAL A 29 -19.68 -5.74 -14.85
C VAL A 29 -19.86 -5.70 -16.37
N GLN A 30 -21.09 -5.49 -16.84
CA GLN A 30 -21.46 -5.33 -18.24
C GLN A 30 -21.38 -6.64 -19.02
N ALA A 31 -21.44 -7.79 -18.34
CA ALA A 31 -21.44 -9.08 -19.02
C ALA A 31 -22.50 -9.18 -20.12
N PRO A 32 -23.76 -8.79 -19.91
CA PRO A 32 -24.74 -8.95 -21.00
C PRO A 32 -24.39 -8.14 -22.25
N GLU A 33 -23.63 -7.06 -22.12
CA GLU A 33 -23.19 -6.34 -23.30
C GLU A 33 -22.14 -7.12 -24.09
N ILE A 34 -21.31 -7.91 -23.41
CA ILE A 34 -20.35 -8.75 -24.13
C ILE A 34 -21.08 -9.93 -24.78
N TRP A 35 -22.09 -10.48 -24.10
CA TRP A 35 -22.92 -11.49 -24.76
C TRP A 35 -23.44 -10.98 -26.09
N LYS A 36 -23.76 -9.68 -26.16
CA LYS A 36 -24.23 -9.08 -27.42
C LYS A 36 -23.20 -9.15 -28.55
N GLU A 37 -21.91 -9.27 -28.23
CA GLU A 37 -20.89 -9.46 -29.24
C GLU A 37 -20.73 -10.91 -29.64
N GLY A 38 -21.61 -11.79 -29.15
CA GLY A 38 -21.51 -13.21 -29.40
C GLY A 38 -20.59 -13.96 -28.49
N ILE A 39 -20.20 -13.37 -27.36
CA ILE A 39 -19.11 -13.87 -26.52
C ILE A 39 -19.70 -14.25 -25.18
N ARG A 40 -19.70 -15.56 -24.88
CA ARG A 40 -20.34 -16.06 -23.66
C ARG A 40 -19.44 -17.03 -22.88
N GLY A 41 -18.19 -17.20 -23.28
CA GLY A 41 -17.31 -18.15 -22.61
C GLY A 41 -17.22 -19.50 -23.28
N LYS A 42 -17.62 -19.59 -24.53
CA LYS A 42 -17.57 -20.86 -25.24
C LYS A 42 -16.19 -21.51 -25.20
N ASP A 43 -16.14 -22.76 -24.80
CA ASP A 43 -14.93 -23.57 -24.77
C ASP A 43 -13.89 -23.06 -23.78
N ILE A 44 -14.26 -22.20 -22.87
CA ILE A 44 -13.37 -21.79 -21.79
C ILE A 44 -13.63 -22.72 -20.61
N VAL A 45 -12.57 -23.15 -19.93
CA VAL A 45 -12.68 -24.01 -18.76
C VAL A 45 -12.06 -23.28 -17.57
N ILE A 46 -12.82 -23.20 -16.48
CA ILE A 46 -12.40 -22.55 -15.25
C ILE A 46 -12.36 -23.61 -14.15
N ALA A 47 -11.21 -23.75 -13.48
CA ALA A 47 -11.11 -24.58 -12.29
C ALA A 47 -11.54 -23.76 -11.08
N VAL A 48 -12.51 -24.27 -10.33
CA VAL A 48 -13.05 -23.59 -9.15
C VAL A 48 -12.53 -24.35 -7.94
N ILE A 49 -11.59 -23.74 -7.24
CA ILE A 49 -10.90 -24.36 -6.12
C ILE A 49 -11.58 -23.81 -4.86
N ASP A 50 -12.44 -24.63 -4.25
CA ASP A 50 -13.38 -24.11 -3.25
C ASP A 50 -13.96 -25.27 -2.44
N THR A 51 -15.20 -25.14 -1.98
CA THR A 51 -15.85 -26.15 -1.14
C THR A 51 -16.54 -27.26 -1.95
N GLY A 52 -16.32 -27.32 -3.26
CA GLY A 52 -17.05 -28.24 -4.10
C GLY A 52 -18.26 -27.58 -4.74
N CYS A 53 -19.18 -28.41 -5.21
CA CYS A 53 -20.32 -27.91 -5.96
C CYS A 53 -21.43 -28.96 -5.97
N ASP A 54 -22.68 -28.47 -5.95
CA ASP A 54 -23.81 -29.34 -6.23
C ASP A 54 -23.93 -29.49 -7.75
N ARG A 55 -23.39 -30.59 -8.27
CA ARG A 55 -23.41 -30.86 -9.71
C ARG A 55 -24.82 -31.09 -10.25
N ASP A 56 -25.82 -31.22 -9.39
CA ASP A 56 -27.18 -31.48 -9.83
C ASP A 56 -28.02 -30.22 -9.90
N HIS A 57 -27.43 -29.05 -9.63
CA HIS A 57 -28.23 -27.83 -9.69
C HIS A 57 -28.63 -27.58 -11.14
N PRO A 58 -29.91 -27.31 -11.42
CA PRO A 58 -30.34 -27.10 -12.82
C PRO A 58 -29.59 -25.99 -13.54
N ASP A 59 -29.10 -24.98 -12.83
CA ASP A 59 -28.32 -23.94 -13.49
C ASP A 59 -26.88 -24.36 -13.76
N LEU A 60 -26.43 -25.48 -13.20
CA LEU A 60 -25.03 -25.86 -13.25
C LEU A 60 -24.75 -27.21 -13.90
N LYS A 61 -25.73 -28.06 -14.01
CA LYS A 61 -25.53 -29.41 -14.53
C LYS A 61 -24.94 -29.48 -15.92
N ASP A 62 -25.23 -28.52 -16.73
CA ASP A 62 -24.75 -28.51 -18.11
C ASP A 62 -23.39 -27.81 -18.25
N ARG A 63 -22.83 -27.33 -17.15
CA ARG A 63 -21.59 -26.56 -17.18
C ARG A 63 -20.42 -27.28 -16.55
N ILE A 64 -20.67 -28.25 -15.69
CA ILE A 64 -19.59 -28.93 -14.98
C ILE A 64 -19.10 -30.07 -15.86
N ILE A 65 -17.79 -30.11 -16.09
CA ILE A 65 -17.21 -31.15 -16.92
C ILE A 65 -16.47 -32.19 -16.10
N GLY A 66 -16.44 -32.04 -14.79
CA GLY A 66 -15.73 -32.97 -13.94
C GLY A 66 -15.35 -32.29 -12.64
N GLY A 67 -14.70 -33.07 -11.80
CA GLY A 67 -14.33 -32.58 -10.49
C GLY A 67 -13.50 -33.60 -9.75
N ARG A 68 -12.97 -33.15 -8.62
CA ARG A 68 -12.09 -33.98 -7.82
C ARG A 68 -12.10 -33.46 -6.39
N ASN A 69 -12.09 -34.39 -5.45
CA ASN A 69 -12.08 -34.09 -4.02
C ASN A 69 -10.66 -34.30 -3.51
N PHE A 70 -10.06 -33.24 -2.97
CA PHE A 70 -8.73 -33.30 -2.38
C PHE A 70 -8.77 -33.36 -0.87
N THR A 71 -9.95 -33.30 -0.26
CA THR A 71 -10.06 -33.26 1.19
C THR A 71 -10.16 -34.68 1.76
N THR A 72 -10.16 -34.76 3.09
CA THR A 72 -10.43 -36.02 3.76
C THR A 72 -11.93 -36.32 3.86
N ASP A 73 -12.78 -35.39 3.44
CA ASP A 73 -14.22 -35.64 3.45
C ASP A 73 -14.56 -36.92 2.70
N ASP A 74 -15.64 -37.56 3.13
CA ASP A 74 -16.10 -38.81 2.52
C ASP A 74 -14.97 -39.82 2.42
N ASN A 75 -14.15 -39.87 3.43
CA ASN A 75 -13.06 -40.79 3.47
C ASN A 75 -12.04 -40.61 2.39
N GLY A 76 -11.93 -39.40 1.87
CA GLY A 76 -10.99 -39.16 0.80
C GLY A 76 -11.42 -39.65 -0.56
N ASP A 77 -12.70 -39.92 -0.76
CA ASP A 77 -13.25 -40.29 -2.07
C ASP A 77 -12.97 -39.21 -3.09
N VAL A 78 -12.09 -39.48 -4.06
CA VAL A 78 -11.72 -38.45 -5.02
C VAL A 78 -12.87 -38.06 -5.92
N ASP A 79 -13.87 -38.91 -6.07
CA ASP A 79 -14.99 -38.62 -6.95
C ASP A 79 -16.09 -37.80 -6.30
N ASN A 80 -16.07 -37.60 -4.99
CA ASN A 80 -17.15 -36.90 -4.31
C ASN A 80 -16.71 -35.46 -4.06
N TYR A 81 -17.12 -34.55 -4.93
CA TYR A 81 -16.87 -33.13 -4.75
C TYR A 81 -18.16 -32.39 -4.41
N SER A 82 -18.99 -33.04 -3.60
CA SER A 82 -20.20 -32.43 -3.07
C SER A 82 -19.87 -31.18 -2.26
N ASP A 83 -20.80 -30.23 -2.23
CA ASP A 83 -20.63 -28.98 -1.50
C ASP A 83 -21.45 -29.05 -0.22
N TYR A 84 -20.78 -29.25 0.92
CA TYR A 84 -21.45 -29.28 2.22
C TYR A 84 -21.47 -27.93 2.90
N ASN A 85 -20.96 -26.89 2.24
CA ASN A 85 -20.90 -25.55 2.79
C ASN A 85 -21.90 -24.61 2.15
N GLY A 86 -21.98 -24.59 0.81
CA GLY A 86 -22.80 -23.67 0.05
C GLY A 86 -21.99 -22.67 -0.75
N HIS A 87 -20.78 -22.34 -0.30
CA HIS A 87 -20.03 -21.27 -0.94
C HIS A 87 -19.60 -21.66 -2.35
N GLY A 88 -19.06 -22.86 -2.52
CA GLY A 88 -18.58 -23.29 -3.83
C GLY A 88 -19.66 -23.31 -4.89
N THR A 89 -20.88 -23.73 -4.50
CA THR A 89 -21.97 -23.73 -5.47
C THR A 89 -22.37 -22.30 -5.83
N HIS A 90 -22.31 -21.40 -4.85
CA HIS A 90 -22.65 -20.00 -5.09
C HIS A 90 -21.65 -19.35 -6.06
N VAL A 91 -20.36 -19.56 -5.80
CA VAL A 91 -19.30 -19.08 -6.69
C VAL A 91 -19.49 -19.62 -8.10
N ALA A 92 -19.72 -20.93 -8.22
CA ALA A 92 -19.90 -21.55 -9.53
C ALA A 92 -21.06 -20.89 -10.28
N GLY A 93 -22.16 -20.58 -9.59
CA GLY A 93 -23.28 -19.98 -10.28
C GLY A 93 -22.98 -18.59 -10.83
N THR A 94 -22.19 -17.80 -10.09
CA THR A 94 -21.84 -16.47 -10.56
C THR A 94 -20.92 -16.53 -11.77
N ILE A 95 -20.03 -17.52 -11.81
CA ILE A 95 -19.13 -17.67 -12.95
C ILE A 95 -19.92 -18.02 -14.21
N ALA A 96 -20.84 -18.97 -14.10
CA ALA A 96 -21.32 -19.64 -15.29
C ALA A 96 -22.68 -20.32 -15.19
N ALA A 97 -23.60 -19.82 -14.37
CA ALA A 97 -24.96 -20.36 -14.41
C ALA A 97 -25.52 -20.26 -15.83
N THR A 98 -26.17 -21.33 -16.26
CA THR A 98 -26.67 -21.47 -17.62
C THR A 98 -27.79 -20.48 -17.94
N GLU A 99 -27.76 -19.96 -19.16
CA GLU A 99 -28.88 -19.20 -19.72
C GLU A 99 -29.92 -20.21 -20.20
N ASN A 100 -31.02 -20.37 -19.43
CA ASN A 100 -32.01 -21.37 -19.79
C ASN A 100 -33.42 -20.93 -19.40
N ASP A 101 -33.67 -19.63 -19.35
CA ASP A 101 -34.98 -19.07 -19.02
C ASP A 101 -35.45 -19.47 -17.62
N GLN A 102 -34.50 -19.73 -16.71
CA GLN A 102 -34.82 -20.16 -15.36
C GLN A 102 -33.66 -19.81 -14.43
N GLY A 103 -33.99 -19.59 -13.15
CA GLY A 103 -32.94 -19.40 -12.15
C GLY A 103 -32.10 -18.17 -12.43
N VAL A 104 -30.77 -18.30 -12.27
CA VAL A 104 -29.87 -17.19 -12.52
C VAL A 104 -29.05 -17.49 -13.78
N VAL A 105 -28.23 -16.51 -14.18
CA VAL A 105 -27.30 -16.65 -15.29
C VAL A 105 -25.96 -16.10 -14.83
N GLY A 106 -24.87 -16.81 -15.14
CA GLY A 106 -23.55 -16.36 -14.73
C GLY A 106 -22.93 -15.39 -15.71
N VAL A 107 -21.74 -14.89 -15.34
CA VAL A 107 -21.02 -13.95 -16.21
C VAL A 107 -20.70 -14.60 -17.55
N ALA A 108 -20.29 -15.86 -17.53
CA ALA A 108 -19.83 -16.55 -18.73
C ALA A 108 -20.66 -17.83 -18.89
N PRO A 109 -21.91 -17.69 -19.33
CA PRO A 109 -22.86 -18.80 -19.18
C PRO A 109 -22.65 -19.96 -20.15
N GLU A 110 -21.74 -19.83 -21.12
CA GLU A 110 -21.33 -20.97 -21.94
C GLU A 110 -20.08 -21.66 -21.42
N ALA A 111 -19.37 -21.07 -20.46
CA ALA A 111 -18.11 -21.65 -20.00
C ALA A 111 -18.34 -22.97 -19.26
N LYS A 112 -17.26 -23.71 -19.05
CA LYS A 112 -17.32 -24.99 -18.38
C LYS A 112 -16.48 -24.93 -17.11
N LEU A 113 -16.89 -25.72 -16.11
CA LEU A 113 -16.31 -25.65 -14.78
C LEU A 113 -15.67 -26.99 -14.42
N LEU A 114 -14.46 -26.92 -13.87
CA LEU A 114 -13.79 -28.04 -13.23
C LEU A 114 -13.81 -27.81 -11.74
N ILE A 115 -14.49 -28.69 -10.99
CA ILE A 115 -14.79 -28.44 -9.57
C ILE A 115 -13.76 -29.14 -8.71
N LEU A 116 -12.88 -28.37 -8.09
CA LEU A 116 -11.79 -28.93 -7.29
C LEU A 116 -12.07 -28.58 -5.84
N LYS A 117 -12.51 -29.59 -5.07
CA LYS A 117 -12.87 -29.39 -3.67
C LYS A 117 -11.64 -29.57 -2.78
N VAL A 118 -11.21 -28.46 -2.16
CA VAL A 118 -10.07 -28.47 -1.25
C VAL A 118 -10.43 -27.95 0.13
N LEU A 119 -11.69 -27.59 0.37
CA LEU A 119 -12.10 -26.95 1.63
C LEU A 119 -13.24 -27.75 2.25
N ALA A 120 -12.99 -28.26 3.45
CA ALA A 120 -14.00 -28.96 4.22
C ALA A 120 -14.53 -28.02 5.31
N ASN A 121 -15.77 -28.25 5.75
CA ASN A 121 -16.37 -27.37 6.74
C ASN A 121 -15.49 -27.27 7.97
N ASP A 122 -15.41 -26.06 8.55
CA ASP A 122 -14.42 -25.81 9.60
C ASP A 122 -15.10 -25.84 10.94
N PRO A 123 -14.90 -26.89 11.76
CA PRO A 123 -15.54 -26.93 13.08
C PRO A 123 -15.12 -25.78 13.98
N ASN A 124 -13.89 -25.28 13.84
CA ASN A 124 -13.45 -24.14 14.65
C ASN A 124 -14.12 -22.83 14.25
N ASN A 125 -14.78 -22.78 13.10
CA ASN A 125 -15.44 -21.56 12.64
C ASN A 125 -16.68 -21.96 11.86
N PRO A 126 -17.77 -22.32 12.55
CA PRO A 126 -18.97 -22.81 11.86
C PRO A 126 -19.47 -21.84 10.81
N GLY A 127 -19.80 -22.39 9.64
CA GLY A 127 -20.14 -21.60 8.48
C GLY A 127 -19.00 -21.45 7.49
N SER A 128 -17.75 -21.55 7.94
CA SER A 128 -16.59 -21.40 7.08
C SER A 128 -16.04 -22.79 6.73
N ALA A 129 -14.88 -22.80 6.04
CA ALA A 129 -14.29 -24.04 5.55
C ALA A 129 -12.77 -23.91 5.55
N THR A 130 -12.09 -25.05 5.48
CA THR A 130 -10.67 -25.08 5.77
C THR A 130 -10.00 -26.22 5.04
N GLY A 131 -8.72 -26.04 4.70
CA GLY A 131 -8.00 -27.09 4.01
C GLY A 131 -6.52 -26.96 4.23
N LYS A 132 -5.79 -28.02 3.90
CA LYS A 132 -4.34 -28.00 4.01
C LYS A 132 -3.70 -27.40 2.77
N TYR A 133 -2.57 -26.73 2.97
CA TYR A 133 -1.79 -26.19 1.86
C TYR A 133 -1.55 -27.24 0.78
N GLU A 134 -1.22 -28.47 1.18
CA GLU A 134 -0.97 -29.52 0.20
C GLU A 134 -2.17 -29.75 -0.71
N TRP A 135 -3.38 -29.64 -0.16
CA TRP A 135 -4.57 -29.89 -0.97
C TRP A 135 -4.74 -28.82 -2.03
N ILE A 136 -4.51 -27.56 -1.68
CA ILE A 136 -4.59 -26.48 -2.67
C ILE A 136 -3.49 -26.64 -3.71
N VAL A 137 -2.28 -26.95 -3.26
CA VAL A 137 -1.18 -27.20 -4.20
C VAL A 137 -1.55 -28.32 -5.15
N ASN A 138 -2.08 -29.43 -4.63
CA ASN A 138 -2.48 -30.53 -5.50
C ASN A 138 -3.56 -30.10 -6.49
N ALA A 139 -4.50 -29.26 -6.04
CA ALA A 139 -5.59 -28.86 -6.93
C ALA A 139 -5.09 -27.94 -8.03
N ILE A 140 -4.17 -27.03 -7.72
CA ILE A 140 -3.64 -26.17 -8.76
C ILE A 140 -2.89 -26.98 -9.81
N ASN A 141 -2.06 -27.93 -9.37
CA ASN A 141 -1.33 -28.77 -10.32
C ASN A 141 -2.28 -29.63 -11.15
N TYR A 142 -3.35 -30.11 -10.53
CA TYR A 142 -4.38 -30.85 -11.25
C TYR A 142 -5.03 -29.97 -12.32
N ALA A 143 -5.37 -28.73 -11.95
CA ALA A 143 -5.95 -27.79 -12.91
C ALA A 143 -5.05 -27.59 -14.12
N ILE A 144 -3.74 -27.49 -13.88
CA ILE A 144 -2.78 -27.28 -14.95
C ILE A 144 -2.71 -28.50 -15.85
N ASP A 145 -2.60 -29.68 -15.23
CA ASP A 145 -2.60 -30.93 -15.98
C ASP A 145 -3.87 -31.09 -16.81
N GLN A 146 -4.99 -30.55 -16.33
CA GLN A 146 -6.22 -30.60 -17.11
C GLN A 146 -6.36 -29.45 -18.09
N LYS A 147 -5.32 -28.62 -18.23
CA LYS A 147 -5.25 -27.56 -19.25
C LYS A 147 -6.45 -26.60 -19.19
N VAL A 148 -6.86 -26.24 -17.98
CA VAL A 148 -7.89 -25.21 -17.85
C VAL A 148 -7.32 -23.87 -18.28
N ASP A 149 -8.21 -22.89 -18.45
CA ASP A 149 -7.83 -21.53 -18.85
C ASP A 149 -7.64 -20.61 -17.67
N ILE A 150 -8.42 -20.82 -16.61
CA ILE A 150 -8.51 -19.91 -15.48
C ILE A 150 -8.63 -20.74 -14.22
N ILE A 151 -7.96 -20.30 -13.16
CA ILE A 151 -8.06 -20.91 -11.84
C ILE A 151 -8.63 -19.87 -10.90
N SER A 152 -9.64 -20.25 -10.13
CA SER A 152 -10.40 -19.28 -9.32
C SER A 152 -10.49 -19.76 -7.87
N MET A 153 -10.03 -18.92 -6.94
CA MET A 153 -9.95 -19.26 -5.53
C MET A 153 -10.47 -18.09 -4.69
N SER A 154 -11.01 -18.43 -3.53
CA SER A 154 -11.57 -17.46 -2.60
C SER A 154 -11.10 -17.76 -1.18
N LEU A 155 -9.79 -17.98 -1.04
CA LEU A 155 -9.21 -18.57 0.16
C LEU A 155 -7.85 -17.95 0.42
N GLY A 156 -7.32 -18.23 1.60
CA GLY A 156 -6.07 -17.62 2.01
C GLY A 156 -5.47 -18.30 3.21
N GLY A 157 -4.14 -18.27 3.27
CA GLY A 157 -3.38 -18.70 4.42
C GLY A 157 -2.34 -17.65 4.78
N PRO A 158 -1.77 -17.77 5.98
CA PRO A 158 -0.81 -16.77 6.45
C PRO A 158 0.63 -17.04 6.02
N SER A 159 0.92 -18.26 5.56
CA SER A 159 2.28 -18.66 5.25
C SER A 159 2.57 -18.60 3.76
N ASP A 160 3.82 -18.25 3.45
CA ASP A 160 4.35 -18.30 2.09
C ASP A 160 5.01 -19.66 1.94
N VAL A 161 4.25 -20.61 1.40
CA VAL A 161 4.74 -21.98 1.20
C VAL A 161 5.31 -22.08 -0.20
N PRO A 162 6.58 -22.43 -0.36
CA PRO A 162 7.19 -22.42 -1.71
C PRO A 162 6.46 -23.30 -2.72
N GLU A 163 6.06 -24.51 -2.35
CA GLU A 163 5.33 -25.36 -3.27
C GLU A 163 4.05 -24.70 -3.77
N LEU A 164 3.46 -23.80 -2.98
CA LEU A 164 2.27 -23.08 -3.42
C LEU A 164 2.63 -22.00 -4.43
N HIS A 165 3.66 -21.20 -4.13
CA HIS A 165 4.12 -20.21 -5.10
C HIS A 165 4.55 -20.87 -6.40
N GLN A 166 5.24 -22.01 -6.28
CA GLN A 166 5.69 -22.75 -7.44
C GLN A 166 4.53 -23.18 -8.33
N ALA A 167 3.45 -23.66 -7.73
CA ALA A 167 2.30 -24.08 -8.54
C ALA A 167 1.64 -22.88 -9.21
N VAL A 168 1.54 -21.75 -8.51
CA VAL A 168 1.01 -20.54 -9.12
C VAL A 168 1.91 -20.08 -10.27
N LYS A 169 3.23 -20.13 -10.07
CA LYS A 169 4.16 -19.78 -11.14
C LYS A 169 4.05 -20.75 -12.31
N ARG A 170 3.98 -22.04 -12.00
CA ARG A 170 3.75 -23.04 -13.03
C ARG A 170 2.50 -22.72 -13.85
N ALA A 171 1.41 -22.33 -13.17
CA ALA A 171 0.18 -21.99 -13.89
C ALA A 171 0.41 -20.86 -14.89
N VAL A 172 0.93 -19.72 -14.44
CA VAL A 172 1.04 -18.59 -15.35
C VAL A 172 2.10 -18.85 -16.43
N GLU A 173 3.13 -19.69 -16.13
CA GLU A 173 4.08 -20.04 -17.18
C GLU A 173 3.41 -20.85 -18.27
N ASN A 174 2.35 -21.60 -17.93
CA ASN A 174 1.55 -22.28 -18.93
C ASN A 174 0.40 -21.42 -19.45
N ASN A 175 0.46 -20.12 -19.19
CA ASN A 175 -0.50 -19.12 -19.68
C ASN A 175 -1.90 -19.32 -19.10
N ILE A 176 -1.98 -19.81 -17.87
CA ILE A 176 -3.23 -19.96 -17.15
C ILE A 176 -3.36 -18.80 -16.19
N LEU A 177 -4.53 -18.18 -16.17
CA LEU A 177 -4.82 -17.09 -15.25
C LEU A 177 -5.19 -17.64 -13.88
N VAL A 178 -4.65 -17.02 -12.85
CA VAL A 178 -4.89 -17.41 -11.47
C VAL A 178 -5.51 -16.22 -10.75
N VAL A 179 -6.73 -16.39 -10.26
CA VAL A 179 -7.51 -15.32 -9.63
C VAL A 179 -7.74 -15.72 -8.18
N CYS A 180 -7.54 -14.77 -7.26
CA CYS A 180 -7.82 -15.08 -5.88
C CYS A 180 -8.34 -13.84 -5.16
N ALA A 181 -9.27 -14.05 -4.24
CA ALA A 181 -9.77 -12.97 -3.42
C ALA A 181 -8.72 -12.53 -2.44
N ALA A 182 -8.68 -11.23 -2.16
CA ALA A 182 -7.77 -10.66 -1.18
C ALA A 182 -8.55 -10.42 0.11
N GLY A 183 -8.44 -11.34 1.05
CA GLY A 183 -9.11 -11.18 2.32
C GLY A 183 -8.15 -10.88 3.45
N GLU A 194 -3.79 -12.49 7.71
CA GLU A 194 -4.03 -13.84 8.21
C GLU A 194 -4.31 -14.73 7.02
N LEU A 195 -4.88 -14.15 5.96
CA LEU A 195 -5.32 -14.89 4.79
C LEU A 195 -4.62 -14.37 3.53
N SER A 196 -3.32 -14.11 3.60
CA SER A 196 -2.67 -13.31 2.57
C SER A 196 -2.34 -14.09 1.30
N TYR A 197 -1.91 -15.36 1.42
CA TYR A 197 -1.49 -16.18 0.30
C TYR A 197 -2.59 -17.14 -0.11
N PRO A 198 -2.76 -17.43 -1.41
CA PRO A 198 -1.88 -17.02 -2.52
C PRO A 198 -2.12 -15.64 -3.14
N ALA A 199 -3.17 -14.91 -2.72
CA ALA A 199 -3.50 -13.65 -3.39
C ALA A 199 -2.34 -12.66 -3.38
N ALA A 200 -1.47 -12.71 -2.37
CA ALA A 200 -0.37 -11.74 -2.29
C ALA A 200 0.76 -12.01 -3.27
N TYR A 201 0.82 -13.20 -3.87
CA TYR A 201 1.85 -13.47 -4.87
C TYR A 201 1.68 -12.54 -6.07
N ASN A 202 2.79 -12.00 -6.56
CA ASN A 202 2.72 -11.06 -7.68
C ASN A 202 2.04 -11.69 -8.89
N GLU A 203 2.14 -13.01 -9.05
CA GLU A 203 1.58 -13.67 -10.22
C GLU A 203 0.05 -13.72 -10.16
N VAL A 204 -0.53 -13.64 -8.99
CA VAL A 204 -1.97 -13.83 -8.82
C VAL A 204 -2.71 -12.53 -9.06
N ILE A 205 -3.84 -12.62 -9.75
CA ILE A 205 -4.74 -11.49 -9.94
C ILE A 205 -5.59 -11.38 -8.67
N SER A 206 -5.37 -10.33 -7.89
CA SER A 206 -5.96 -10.16 -6.57
C SER A 206 -7.21 -9.27 -6.63
N VAL A 207 -8.29 -9.72 -6.00
CA VAL A 207 -9.62 -9.15 -6.22
C VAL A 207 -10.19 -8.61 -4.91
N GLY A 208 -10.66 -7.35 -4.93
CA GLY A 208 -11.42 -6.77 -3.85
C GLY A 208 -12.89 -6.62 -4.22
N ALA A 209 -13.71 -6.25 -3.22
CA ALA A 209 -15.16 -6.16 -3.41
C ALA A 209 -15.66 -4.73 -3.27
N ILE A 210 -16.75 -4.42 -4.00
CA ILE A 210 -17.50 -3.17 -3.85
C ILE A 210 -18.98 -3.49 -3.71
N SER A 211 -19.74 -2.49 -3.29
CA SER A 211 -21.18 -2.64 -3.18
C SER A 211 -21.83 -2.45 -4.54
N LEU A 212 -23.10 -2.88 -4.64
CA LEU A 212 -23.83 -2.75 -5.90
C LEU A 212 -24.05 -1.31 -6.31
N ASP A 213 -23.83 -0.36 -5.41
CA ASP A 213 -23.90 1.06 -5.75
C ASP A 213 -22.53 1.66 -6.05
N GLY A 214 -21.49 0.84 -6.14
CA GLY A 214 -20.18 1.33 -6.45
C GLY A 214 -19.37 1.88 -5.29
N GLN A 215 -19.67 1.46 -4.06
CA GLN A 215 -18.94 1.93 -2.89
C GLN A 215 -18.11 0.80 -2.31
N ILE A 216 -17.01 1.13 -1.65
CA ILE A 216 -16.20 0.08 -1.03
C ILE A 216 -16.88 -0.41 0.25
N GLU A 225 -3.14 -4.83 -1.79
CA GLU A 225 -2.54 -4.78 -3.12
C GLU A 225 -3.38 -5.55 -4.13
N ILE A 226 -4.56 -5.03 -4.46
CA ILE A 226 -5.49 -5.72 -5.32
C ILE A 226 -5.31 -5.21 -6.75
N ASP A 227 -5.74 -6.03 -7.70
CA ASP A 227 -5.67 -5.60 -9.09
C ASP A 227 -6.95 -4.93 -9.55
N VAL A 228 -8.11 -5.47 -9.16
CA VAL A 228 -9.42 -5.00 -9.62
C VAL A 228 -10.40 -5.21 -8.47
N VAL A 229 -11.55 -4.54 -8.56
CA VAL A 229 -12.68 -4.82 -7.69
C VAL A 229 -13.86 -5.29 -8.54
N ALA A 230 -14.80 -5.96 -7.88
CA ALA A 230 -16.03 -6.42 -8.54
C ALA A 230 -17.11 -6.50 -7.48
N PRO A 231 -18.38 -6.61 -7.88
CA PRO A 231 -19.44 -6.62 -6.86
C PRO A 231 -19.30 -7.79 -5.91
N GLY A 232 -19.45 -7.51 -4.62
CA GLY A 232 -19.40 -8.53 -3.59
C GLY A 232 -20.49 -8.41 -2.55
N GLU A 233 -21.41 -7.47 -2.70
CA GLU A 233 -22.47 -7.25 -1.72
C GLU A 233 -23.81 -7.68 -2.30
N LYS A 234 -24.53 -8.51 -1.54
CA LYS A 234 -25.90 -8.95 -1.89
C LYS A 234 -25.93 -9.62 -3.27
N ILE A 235 -25.12 -10.66 -3.40
CA ILE A 235 -24.92 -11.37 -4.66
C ILE A 235 -25.85 -12.57 -4.67
N LEU A 236 -26.77 -12.59 -5.62
CA LEU A 236 -27.72 -13.69 -5.80
C LEU A 236 -27.10 -14.77 -6.68
N SER A 237 -27.11 -16.02 -6.20
CA SER A 237 -26.59 -17.12 -7.00
C SER A 237 -27.18 -18.45 -6.48
N THR A 238 -26.67 -19.55 -7.03
CA THR A 238 -27.12 -20.91 -6.77
C THR A 238 -26.56 -21.48 -5.46
N ILE A 239 -27.37 -22.29 -4.77
CA ILE A 239 -26.88 -23.04 -3.61
C ILE A 239 -27.34 -24.49 -3.74
N PRO A 240 -26.81 -25.44 -2.96
CA PRO A 240 -27.21 -26.83 -3.10
C PRO A 240 -28.71 -27.02 -2.90
N GLY A 241 -29.20 -28.13 -3.42
CA GLY A 241 -30.63 -28.41 -3.35
C GLY A 241 -31.46 -27.78 -4.45
N GLY A 242 -30.84 -27.15 -5.45
CA GLY A 242 -31.58 -26.50 -6.50
C GLY A 242 -32.15 -25.15 -6.14
N LYS A 243 -31.62 -24.52 -5.11
CA LYS A 243 -32.16 -23.29 -4.58
C LYS A 243 -31.20 -22.13 -4.86
N PHE A 244 -31.48 -20.98 -4.25
CA PHE A 244 -30.69 -19.77 -4.48
C PHE A 244 -30.53 -19.06 -3.15
N ALA A 245 -29.52 -18.21 -3.07
CA ALA A 245 -29.26 -17.45 -1.86
C ALA A 245 -28.48 -16.19 -2.19
N VAL A 246 -28.64 -15.20 -1.32
CA VAL A 246 -27.98 -13.90 -1.45
C VAL A 246 -26.83 -13.87 -0.45
N PHE A 247 -25.59 -13.81 -0.95
CA PHE A 247 -24.40 -13.73 -0.12
C PHE A 247 -23.75 -12.36 -0.24
N SER A 248 -23.00 -12.00 0.80
CA SER A 248 -22.16 -10.81 0.81
C SER A 248 -20.80 -11.16 1.38
N GLY A 249 -19.74 -10.67 0.74
CA GLY A 249 -18.39 -10.90 1.22
C GLY A 249 -17.38 -10.69 0.12
N THR A 250 -16.14 -10.45 0.54
CA THR A 250 -15.07 -10.21 -0.43
C THR A 250 -14.96 -11.33 -1.45
N SER A 251 -15.23 -12.57 -1.04
CA SER A 251 -15.07 -13.67 -1.97
C SER A 251 -16.14 -13.67 -3.05
N MET A 252 -17.20 -12.91 -2.88
CA MET A 252 -18.21 -12.86 -3.90
C MET A 252 -17.70 -12.14 -5.14
N ALA A 253 -16.69 -11.31 -4.96
CA ALA A 253 -16.15 -10.55 -6.07
C ALA A 253 -15.37 -11.43 -7.06
N THR A 254 -14.66 -12.46 -6.57
CA THR A 254 -13.78 -13.15 -7.51
C THR A 254 -14.48 -13.95 -8.61
N PRO A 255 -15.60 -14.65 -8.35
CA PRO A 255 -16.29 -15.32 -9.48
C PRO A 255 -16.68 -14.36 -10.59
N HIS A 256 -17.06 -13.12 -10.25
CA HIS A 256 -17.31 -12.14 -11.30
C HIS A 256 -16.06 -11.93 -12.14
N VAL A 257 -14.89 -11.89 -11.50
CA VAL A 257 -13.64 -11.62 -12.21
C VAL A 257 -13.25 -12.84 -13.06
N SER A 258 -13.32 -14.03 -12.48
CA SER A 258 -12.97 -15.22 -13.25
C SER A 258 -13.92 -15.41 -14.43
N GLY A 259 -15.22 -15.19 -14.23
CA GLY A 259 -16.14 -15.23 -15.35
C GLY A 259 -15.85 -14.18 -16.40
N ALA A 260 -15.51 -12.96 -15.95
CA ALA A 260 -15.13 -11.92 -16.90
C ALA A 260 -13.91 -12.33 -17.73
N LEU A 261 -12.90 -12.92 -17.07
CA LEU A 261 -11.71 -13.39 -17.78
C LEU A 261 -12.05 -14.43 -18.85
N ALA A 262 -13.07 -15.25 -18.60
CA ALA A 262 -13.48 -16.23 -19.61
C ALA A 262 -14.01 -15.52 -20.85
N LEU A 263 -14.85 -14.49 -20.66
CA LEU A 263 -15.32 -13.69 -21.78
C LEU A 263 -14.16 -13.00 -22.48
N ILE A 264 -13.26 -12.40 -21.70
CA ILE A 264 -12.14 -11.64 -22.25
C ILE A 264 -11.22 -12.54 -23.07
N LYS A 265 -10.95 -13.75 -22.58
CA LYS A 265 -10.05 -14.63 -23.33
C LYS A 265 -10.68 -15.03 -24.66
N GLN A 266 -11.98 -15.38 -24.65
CA GLN A 266 -12.62 -15.72 -25.91
C GLN A 266 -12.62 -14.53 -26.87
N LEU A 267 -13.01 -13.37 -26.36
CA LEU A 267 -13.09 -12.16 -27.19
C LEU A 267 -11.72 -11.77 -27.73
N SER A 268 -10.72 -11.68 -26.85
CA SER A 268 -9.46 -11.09 -27.28
C SER A 268 -8.70 -12.04 -28.20
N GLU A 269 -8.72 -13.34 -27.91
CA GLU A 269 -8.02 -14.27 -28.79
C GLU A 269 -8.65 -14.29 -30.18
N LYS A 270 -9.96 -14.05 -30.25
CA LYS A 270 -10.62 -13.91 -31.54
C LYS A 270 -10.20 -12.61 -32.24
N GLU A 271 -10.27 -11.49 -31.53
CA GLU A 271 -9.99 -10.20 -32.16
C GLU A 271 -8.51 -10.08 -32.55
N PHE A 272 -7.61 -10.60 -31.72
CA PHE A 272 -6.20 -10.57 -32.06
C PHE A 272 -5.79 -11.69 -33.00
N GLU A 273 -6.69 -12.64 -33.27
CA GLU A 273 -6.45 -13.72 -34.23
C GLU A 273 -5.22 -14.56 -33.85
N ARG A 274 -5.05 -14.80 -32.56
CA ARG A 274 -3.95 -15.63 -32.07
C ARG A 274 -4.15 -15.92 -30.59
N ASN A 275 -3.45 -16.94 -30.10
CA ASN A 275 -3.45 -17.22 -28.67
C ASN A 275 -2.67 -16.11 -27.97
N LEU A 276 -3.20 -15.63 -26.85
CA LEU A 276 -2.55 -14.56 -26.11
C LEU A 276 -1.91 -15.12 -24.84
N THR A 277 -0.78 -14.55 -24.46
CA THR A 277 -0.09 -15.00 -23.26
C THR A 277 -0.82 -14.50 -22.02
N GLU A 278 -0.53 -15.12 -20.87
CA GLU A 278 -1.17 -14.66 -19.64
C GLU A 278 -0.89 -13.19 -19.35
N PRO A 279 0.33 -12.66 -19.52
CA PRO A 279 0.51 -11.20 -19.32
C PRO A 279 -0.36 -10.37 -20.24
N GLU A 280 -0.57 -10.80 -21.50
CA GLU A 280 -1.44 -10.04 -22.39
C GLU A 280 -2.90 -10.15 -21.98
N LEU A 281 -3.34 -11.34 -21.56
CA LEU A 281 -4.70 -11.50 -21.08
C LEU A 281 -4.96 -10.68 -19.82
N TYR A 282 -3.98 -10.63 -18.92
CA TYR A 282 -4.06 -9.75 -17.76
C TYR A 282 -4.24 -8.30 -18.20
N ALA A 283 -3.47 -7.85 -19.20
CA ALA A 283 -3.62 -6.47 -19.67
C ALA A 283 -5.01 -6.24 -20.27
N GLN A 284 -5.59 -7.26 -20.92
CA GLN A 284 -6.95 -7.12 -21.43
C GLN A 284 -7.98 -6.96 -20.31
N LEU A 285 -7.74 -7.58 -19.15
CA LEU A 285 -8.63 -7.33 -18.02
C LEU A 285 -8.46 -5.90 -17.50
N ILE A 286 -7.21 -5.44 -17.41
CA ILE A 286 -6.98 -4.10 -16.87
C ILE A 286 -7.51 -3.04 -17.82
N LYS A 287 -7.44 -3.29 -19.14
CA LYS A 287 -8.12 -2.42 -20.10
C LYS A 287 -9.60 -2.29 -19.77
N ARG A 288 -10.18 -3.37 -19.28
CA ARG A 288 -11.63 -3.42 -19.05
C ARG A 288 -11.95 -3.18 -17.57
N THR A 289 -11.50 -2.01 -17.08
CA THR A 289 -11.83 -1.53 -15.75
C THR A 289 -12.34 -0.10 -15.78
N MET A 290 -13.20 0.21 -14.80
CA MET A 290 -13.76 1.54 -14.60
C MET A 290 -13.20 2.12 -13.32
N PRO A 291 -12.38 3.18 -13.35
CA PRO A 291 -11.98 3.83 -12.10
C PRO A 291 -13.20 4.36 -11.38
N LEU A 292 -13.18 4.26 -10.05
CA LEU A 292 -14.32 4.69 -9.24
C LEU A 292 -14.07 5.97 -8.47
N GLY A 293 -12.85 6.51 -8.51
CA GLY A 293 -12.52 7.70 -7.73
C GLY A 293 -11.89 7.44 -6.39
N PHE A 294 -11.71 6.18 -6.01
CA PHE A 294 -11.03 5.84 -4.78
C PHE A 294 -9.54 5.73 -5.01
N PRO A 295 -8.72 5.77 -3.95
CA PRO A 295 -7.29 5.54 -4.13
C PRO A 295 -7.02 4.14 -4.63
N LYS A 296 -5.90 3.98 -5.36
CA LYS A 296 -5.59 2.68 -5.94
C LYS A 296 -5.35 1.61 -4.88
N ALA A 297 -4.92 2.03 -3.68
CA ALA A 297 -4.79 1.07 -2.59
C ALA A 297 -6.13 0.52 -2.13
N LEU A 298 -7.23 1.08 -2.60
CA LEU A 298 -8.58 0.62 -2.28
C LEU A 298 -9.31 -0.01 -3.45
N GLU A 299 -9.22 0.56 -4.65
CA GLU A 299 -9.94 0.00 -5.79
C GLU A 299 -9.02 -0.67 -6.79
N GLY A 300 -7.71 -0.64 -6.56
CA GLY A 300 -6.78 -1.10 -7.58
C GLY A 300 -7.03 -0.33 -8.86
N ASN A 301 -7.25 -1.07 -9.94
CA ASN A 301 -7.50 -0.50 -11.26
C ASN A 301 -8.94 -0.13 -11.47
N GLY A 302 -9.80 -0.40 -10.51
CA GLY A 302 -11.20 -0.06 -10.62
C GLY A 302 -12.08 -1.29 -10.78
N LEU A 303 -13.34 -1.01 -11.12
CA LEU A 303 -14.36 -2.04 -11.25
C LEU A 303 -14.21 -2.75 -12.58
N VAL A 304 -14.21 -4.09 -12.56
CA VAL A 304 -14.25 -4.81 -13.84
C VAL A 304 -15.47 -4.33 -14.62
N TYR A 305 -15.23 -3.86 -15.85
CA TYR A 305 -16.23 -3.12 -16.60
C TYR A 305 -15.97 -3.43 -18.08
N LEU A 306 -16.69 -4.44 -18.58
CA LEU A 306 -16.23 -5.17 -19.77
C LEU A 306 -16.36 -4.36 -21.05
N THR A 307 -17.21 -3.35 -21.07
CA THR A 307 -17.36 -2.52 -22.26
C THR A 307 -16.43 -1.30 -22.28
N ALA A 308 -15.51 -1.17 -21.30
CA ALA A 308 -14.75 0.07 -21.20
C ALA A 308 -14.07 0.51 -22.50
N PRO A 309 -13.38 -0.35 -23.27
CA PRO A 309 -12.79 0.15 -24.52
C PRO A 309 -13.82 0.56 -25.56
N ASN A 310 -14.99 -0.09 -25.59
CA ASN A 310 -16.07 0.35 -26.49
C ASN A 310 -16.50 1.77 -26.16
N LEU A 311 -16.62 2.08 -24.87
CA LEU A 311 -17.01 3.42 -24.45
C LEU A 311 -15.99 4.46 -24.91
N LEU A 312 -14.70 4.14 -24.80
CA LEU A 312 -13.66 5.07 -25.21
C LEU A 312 -13.73 5.34 -26.71
N SER A 313 -13.86 4.28 -27.49
CA SER A 313 -13.96 4.44 -28.93
C SER A 313 -15.29 5.07 -29.30
N THR B 4 23.24 -7.96 -38.79
CA THR B 4 23.15 -6.49 -38.87
C THR B 4 21.78 -5.90 -38.52
N ILE B 5 21.78 -4.90 -37.62
CA ILE B 5 20.58 -4.20 -37.22
C ILE B 5 20.56 -2.85 -37.94
N ARG B 6 19.37 -2.42 -38.36
CA ARG B 6 19.21 -1.21 -39.14
C ARG B 6 18.13 -0.31 -38.55
N LEU B 7 18.29 0.99 -38.78
CA LEU B 7 17.19 1.93 -38.59
C LEU B 7 16.02 1.57 -39.51
N ILE B 8 14.81 1.67 -38.97
CA ILE B 8 13.62 1.63 -39.84
C ILE B 8 13.68 2.82 -40.80
N PRO B 9 13.41 2.63 -42.10
CA PRO B 9 13.46 3.77 -43.02
C PRO B 9 12.43 4.84 -42.65
N PHE B 10 12.86 6.11 -42.77
CA PHE B 10 12.01 7.25 -42.45
C PHE B 10 12.28 8.37 -43.46
N LYS B 11 11.40 9.35 -43.46
CA LYS B 11 11.45 10.46 -44.40
C LYS B 11 11.69 11.75 -43.65
N ILE B 12 12.70 12.52 -44.09
CA ILE B 12 12.95 13.87 -43.57
C ILE B 12 11.99 14.80 -44.30
N GLU B 13 10.96 15.29 -43.59
CA GLU B 13 9.94 16.09 -44.25
C GLU B 13 10.35 17.56 -44.33
N GLU B 14 10.80 18.12 -43.22
CA GLU B 14 11.22 19.52 -43.13
C GLU B 14 12.38 19.63 -42.18
N LYS B 15 13.25 20.61 -42.45
CA LYS B 15 14.33 20.98 -41.54
C LYS B 15 14.10 22.43 -41.12
N LEU B 16 14.22 22.69 -39.82
CA LEU B 16 13.83 23.96 -39.23
C LEU B 16 14.95 24.51 -38.38
N GLU B 17 15.16 25.83 -38.48
CA GLU B 17 16.17 26.49 -37.64
C GLU B 17 15.69 26.67 -36.21
N SER B 18 14.43 27.05 -36.02
CA SER B 18 13.91 27.40 -34.71
C SER B 18 12.41 27.14 -34.73
N VAL B 19 11.91 26.67 -33.59
CA VAL B 19 10.48 26.45 -33.39
C VAL B 19 10.19 26.75 -31.93
N LYS B 20 8.91 26.96 -31.62
CA LYS B 20 8.52 27.11 -30.22
C LYS B 20 7.11 26.55 -30.10
N GLU B 21 7.01 25.28 -29.73
CA GLU B 21 5.68 24.67 -29.66
C GLU B 21 5.78 23.25 -29.10
N ILE B 22 4.64 22.77 -28.61
CA ILE B 22 4.47 21.36 -28.29
C ILE B 22 4.19 20.64 -29.60
N PRO B 23 4.98 19.63 -29.97
CA PRO B 23 4.71 18.91 -31.22
C PRO B 23 3.37 18.19 -31.17
N GLU B 24 2.78 18.02 -32.35
CA GLU B 24 1.42 17.46 -32.44
C GLU B 24 1.35 16.04 -31.90
N GLY B 25 2.41 15.25 -32.02
CA GLY B 25 2.36 13.88 -31.51
C GLY B 25 2.29 13.83 -30.00
N VAL B 26 3.04 14.72 -29.33
CA VAL B 26 2.95 14.81 -27.88
C VAL B 26 1.54 15.20 -27.45
N ASN B 27 0.90 16.09 -28.21
CA ASN B 27 -0.48 16.47 -27.89
C ASN B 27 -1.46 15.33 -28.16
N MET B 28 -1.24 14.58 -29.23
CA MET B 28 -2.16 13.51 -29.59
C MET B 28 -2.27 12.46 -28.49
N VAL B 29 -1.14 12.07 -27.89
CA VAL B 29 -1.20 11.05 -26.82
C VAL B 29 -1.63 11.62 -25.49
N GLN B 30 -1.98 12.91 -25.44
CA GLN B 30 -2.57 13.59 -24.29
C GLN B 30 -1.56 13.83 -23.17
N ALA B 31 -0.26 13.86 -23.49
CA ALA B 31 0.75 14.13 -22.46
C ALA B 31 0.52 15.43 -21.67
N PRO B 32 0.20 16.57 -22.28
CA PRO B 32 0.01 17.80 -21.47
C PRO B 32 -1.06 17.66 -20.41
N GLU B 33 -2.09 16.86 -20.66
CA GLU B 33 -3.11 16.64 -19.64
C GLU B 33 -2.55 15.91 -18.43
N ILE B 34 -1.61 14.99 -18.67
CA ILE B 34 -0.95 14.30 -17.56
C ILE B 34 -0.01 15.24 -16.81
N TRP B 35 0.67 16.14 -17.52
CA TRP B 35 1.52 17.11 -16.82
C TRP B 35 0.72 17.89 -15.78
N LYS B 36 -0.54 18.17 -16.08
CA LYS B 36 -1.39 18.90 -15.14
C LYS B 36 -1.80 18.06 -13.95
N GLU B 37 -1.54 16.75 -13.94
CA GLU B 37 -1.68 15.95 -12.74
C GLU B 37 -0.39 15.95 -11.90
N GLY B 38 0.59 16.79 -12.26
CA GLY B 38 1.88 16.80 -11.59
C GLY B 38 2.84 15.73 -12.04
N ILE B 39 2.63 15.14 -13.21
CA ILE B 39 3.39 13.97 -13.67
C ILE B 39 4.12 14.34 -14.95
N ARG B 40 5.43 14.51 -14.87
CA ARG B 40 6.24 14.87 -16.04
C ARG B 40 7.41 13.92 -16.28
N GLY B 41 7.49 12.82 -15.53
CA GLY B 41 8.53 11.83 -15.73
C GLY B 41 9.70 11.90 -14.78
N LYS B 42 9.62 12.69 -13.72
CA LYS B 42 10.77 12.89 -12.85
C LYS B 42 11.21 11.57 -12.22
N ASP B 43 12.54 11.38 -12.17
CA ASP B 43 13.24 10.22 -11.63
C ASP B 43 13.11 8.96 -12.51
N ILE B 44 12.47 9.03 -13.68
CA ILE B 44 12.45 7.92 -14.63
C ILE B 44 13.64 8.05 -15.57
N VAL B 45 14.28 6.93 -15.90
CA VAL B 45 15.44 6.93 -16.79
C VAL B 45 15.11 6.05 -17.98
N ILE B 46 15.28 6.58 -19.18
CA ILE B 46 15.01 5.84 -20.42
C ILE B 46 16.34 5.63 -21.14
N ALA B 47 16.68 4.36 -21.42
CA ALA B 47 17.83 4.07 -22.29
C ALA B 47 17.40 4.20 -23.74
N VAL B 48 18.06 5.08 -24.48
CA VAL B 48 17.73 5.32 -25.87
C VAL B 48 18.80 4.61 -26.70
N ILE B 49 18.43 3.50 -27.31
CA ILE B 49 19.34 2.65 -28.08
C ILE B 49 19.16 3.04 -29.54
N ASP B 50 20.16 3.75 -30.11
CA ASP B 50 19.99 4.43 -31.40
C ASP B 50 21.31 4.94 -31.97
N THR B 51 21.28 6.03 -32.73
CA THR B 51 22.49 6.56 -33.38
C THR B 51 23.29 7.51 -32.51
N GLY B 52 22.98 7.61 -31.22
CA GLY B 52 23.61 8.60 -30.37
C GLY B 52 22.71 9.80 -30.18
N CYS B 53 23.28 10.86 -29.62
CA CYS B 53 22.50 12.05 -29.33
C CYS B 53 23.42 13.26 -29.24
N ASP B 54 22.91 14.42 -29.68
CA ASP B 54 23.64 15.67 -29.52
C ASP B 54 23.43 16.18 -28.10
N ARG B 55 24.41 15.94 -27.24
CA ARG B 55 24.28 16.29 -25.83
C ARG B 55 24.23 17.79 -25.60
N ASP B 56 24.54 18.60 -26.60
CA ASP B 56 24.56 20.03 -26.42
C ASP B 56 23.27 20.72 -26.85
N HIS B 57 22.32 19.99 -27.42
CA HIS B 57 21.07 20.61 -27.83
C HIS B 57 20.38 21.24 -26.63
N PRO B 58 20.01 22.52 -26.69
CA PRO B 58 19.40 23.17 -25.52
C PRO B 58 18.17 22.46 -24.99
N ASP B 59 17.46 21.70 -25.82
CA ASP B 59 16.29 20.98 -25.34
C ASP B 59 16.62 19.64 -24.69
N LEU B 60 17.88 19.19 -24.81
CA LEU B 60 18.27 17.89 -24.28
C LEU B 60 19.43 17.94 -23.28
N LYS B 61 20.17 19.04 -23.21
CA LYS B 61 21.37 19.06 -22.38
C LYS B 61 21.06 18.77 -20.91
N ASP B 62 19.90 19.19 -20.42
CA ASP B 62 19.50 18.98 -19.04
C ASP B 62 18.84 17.62 -18.79
N ARG B 63 18.62 16.82 -19.84
CA ARG B 63 17.91 15.55 -19.71
C ARG B 63 18.82 14.34 -19.78
N ILE B 64 20.06 14.51 -20.20
CA ILE B 64 20.96 13.38 -20.46
C ILE B 64 21.71 13.07 -19.17
N ILE B 65 21.44 11.92 -18.58
CA ILE B 65 22.16 11.52 -17.37
C ILE B 65 23.54 10.95 -17.70
N GLY B 66 23.74 10.45 -18.91
CA GLY B 66 25.01 9.86 -19.29
C GLY B 66 24.80 9.13 -20.61
N GLY B 67 25.81 8.39 -21.02
CA GLY B 67 25.71 7.73 -22.30
C GLY B 67 26.94 6.89 -22.57
N ARG B 68 26.84 6.10 -23.64
CA ARG B 68 27.91 5.19 -23.97
C ARG B 68 27.84 4.84 -25.45
N ASN B 69 29.00 4.70 -26.06
CA ASN B 69 29.16 4.38 -27.47
C ASN B 69 29.61 2.93 -27.59
N PHE B 70 28.86 2.12 -28.31
CA PHE B 70 29.22 0.74 -28.56
C PHE B 70 29.72 0.51 -29.98
N THR B 71 29.76 1.55 -30.81
CA THR B 71 30.17 1.42 -32.20
C THR B 71 31.67 1.65 -32.32
N THR B 72 32.17 1.55 -33.54
CA THR B 72 33.56 1.90 -33.82
C THR B 72 33.74 3.38 -34.16
N ASP B 73 32.65 4.15 -34.24
CA ASP B 73 32.78 5.60 -34.44
C ASP B 73 33.69 6.21 -33.38
N ASP B 74 34.39 7.27 -33.78
CA ASP B 74 35.25 8.03 -32.90
C ASP B 74 36.24 7.11 -32.17
N ASN B 75 36.71 6.12 -32.93
CA ASN B 75 37.70 5.13 -32.48
C ASN B 75 37.20 4.35 -31.26
N GLY B 76 35.93 3.98 -31.24
CA GLY B 76 35.41 3.21 -30.12
C GLY B 76 35.50 3.87 -28.76
N ASP B 77 35.78 5.18 -28.71
CA ASP B 77 35.76 5.93 -27.46
C ASP B 77 34.36 5.80 -26.86
N VAL B 78 34.26 5.03 -25.76
CA VAL B 78 32.96 4.69 -25.21
C VAL B 78 32.21 5.89 -24.65
N ASP B 79 32.88 6.99 -24.48
CA ASP B 79 32.25 8.17 -23.99
C ASP B 79 31.75 9.14 -25.04
N ASN B 80 32.10 8.91 -26.28
CA ASN B 80 31.67 9.77 -27.40
C ASN B 80 30.44 9.12 -28.03
N TYR B 81 29.26 9.58 -27.63
CA TYR B 81 28.01 9.12 -28.24
C TYR B 81 27.42 10.19 -29.16
N SER B 82 28.28 10.83 -29.95
CA SER B 82 27.83 11.87 -30.88
C SER B 82 26.89 11.29 -31.93
N ASP B 83 25.90 12.10 -32.34
CA ASP B 83 24.92 11.72 -33.36
C ASP B 83 25.30 12.38 -34.68
N TYR B 84 25.87 11.59 -35.59
CA TYR B 84 26.18 12.02 -36.94
C TYR B 84 25.03 11.78 -37.91
N ASN B 85 23.97 11.10 -37.49
CA ASN B 85 22.83 10.79 -38.34
C ASN B 85 21.69 11.77 -38.12
N GLY B 86 21.29 11.97 -36.87
CA GLY B 86 20.20 12.85 -36.48
C GLY B 86 19.00 12.10 -35.92
N HIS B 87 18.85 10.84 -36.30
CA HIS B 87 17.69 10.08 -35.85
C HIS B 87 17.69 9.92 -34.33
N GLY B 88 18.84 9.57 -33.74
CA GLY B 88 18.88 9.39 -32.28
C GLY B 88 18.50 10.66 -31.53
N THR B 89 18.93 11.82 -32.02
CA THR B 89 18.59 13.08 -31.37
C THR B 89 17.10 13.38 -31.49
N HIS B 90 16.50 12.98 -32.62
CA HIS B 90 15.08 13.21 -32.86
C HIS B 90 14.23 12.34 -31.94
N VAL B 91 14.61 11.07 -31.80
CA VAL B 91 13.97 10.16 -30.86
C VAL B 91 14.03 10.73 -29.46
N ALA B 92 15.22 11.18 -29.05
CA ALA B 92 15.42 11.72 -27.70
C ALA B 92 14.51 12.90 -27.42
N GLY B 93 14.34 13.81 -28.39
CA GLY B 93 13.47 14.95 -28.17
C GLY B 93 12.01 14.57 -28.02
N THR B 94 11.56 13.53 -28.74
CA THR B 94 10.16 13.13 -28.57
C THR B 94 9.93 12.56 -27.19
N ILE B 95 10.92 11.85 -26.64
CA ILE B 95 10.75 11.23 -25.33
C ILE B 95 10.72 12.28 -24.25
N ALA B 96 11.66 13.23 -24.28
CA ALA B 96 11.86 14.03 -23.08
C ALA B 96 12.46 15.41 -23.33
N ALA B 97 12.18 16.06 -24.47
CA ALA B 97 12.72 17.42 -24.65
C ALA B 97 12.26 18.33 -23.51
N THR B 98 13.20 19.12 -22.99
CA THR B 98 12.97 19.93 -21.80
C THR B 98 11.91 21.01 -22.03
N GLU B 99 11.07 21.23 -21.02
CA GLU B 99 10.13 22.36 -21.05
C GLU B 99 10.86 23.58 -20.52
N ASN B 100 11.25 24.48 -21.43
CA ASN B 100 12.07 25.64 -21.06
C ASN B 100 11.65 26.89 -21.84
N ASP B 101 10.41 26.95 -22.31
CA ASP B 101 9.89 28.10 -23.04
C ASP B 101 10.63 28.35 -24.35
N GLN B 102 11.15 27.28 -24.96
CA GLN B 102 11.84 27.38 -26.25
C GLN B 102 11.86 26.01 -26.91
N GLY B 103 11.98 26.00 -28.24
CA GLY B 103 12.09 24.73 -28.94
C GLY B 103 10.85 23.87 -28.78
N VAL B 104 11.06 22.58 -28.53
CA VAL B 104 9.98 21.62 -28.41
C VAL B 104 9.96 21.08 -26.99
N VAL B 105 8.95 20.24 -26.71
CA VAL B 105 8.78 19.58 -25.42
C VAL B 105 8.47 18.11 -25.68
N GLY B 106 9.13 17.22 -24.93
CA GLY B 106 8.87 15.80 -25.06
C GLY B 106 7.66 15.35 -24.25
N VAL B 107 7.31 14.07 -24.44
CA VAL B 107 6.20 13.47 -23.70
C VAL B 107 6.47 13.54 -22.20
N ALA B 108 7.70 13.23 -21.79
CA ALA B 108 8.07 13.19 -20.39
C ALA B 108 9.21 14.16 -20.19
N PRO B 109 8.91 15.47 -20.16
CA PRO B 109 9.97 16.50 -20.20
C PRO B 109 10.81 16.61 -18.91
N GLU B 110 10.49 15.88 -17.86
CA GLU B 110 11.37 15.81 -16.71
C GLU B 110 12.11 14.48 -16.59
N ALA B 111 11.88 13.54 -17.51
CA ALA B 111 12.57 12.27 -17.44
C ALA B 111 14.06 12.47 -17.77
N LYS B 112 14.84 11.44 -17.50
CA LYS B 112 16.27 11.44 -17.79
C LYS B 112 16.59 10.40 -18.86
N LEU B 113 17.58 10.69 -19.69
CA LEU B 113 17.92 9.83 -20.82
C LEU B 113 19.31 9.23 -20.67
N LEU B 114 19.43 7.94 -20.96
CA LEU B 114 20.73 7.27 -21.06
C LEU B 114 20.98 6.94 -22.53
N ILE B 115 21.92 7.65 -23.14
CA ILE B 115 22.10 7.60 -24.59
C ILE B 115 23.05 6.45 -24.91
N LEU B 116 22.54 5.40 -25.57
CA LEU B 116 23.35 4.23 -25.91
C LEU B 116 23.49 4.17 -27.43
N LYS B 117 24.67 4.56 -27.92
CA LYS B 117 24.88 4.61 -29.36
C LYS B 117 25.31 3.24 -29.88
N VAL B 118 24.48 2.66 -30.76
CA VAL B 118 24.72 1.34 -31.31
C VAL B 118 24.65 1.31 -32.83
N LEU B 119 24.39 2.44 -33.49
CA LEU B 119 24.28 2.48 -34.94
C LEU B 119 25.19 3.57 -35.48
N ALA B 120 25.93 3.26 -36.54
CA ALA B 120 26.76 4.23 -37.24
C ALA B 120 26.24 4.40 -38.66
N ASN B 121 26.65 5.50 -39.29
CA ASN B 121 26.13 5.88 -40.61
C ASN B 121 26.49 4.89 -41.72
N SER B 128 20.99 6.40 -43.85
CA SER B 128 20.49 5.51 -42.81
C SER B 128 21.64 5.10 -41.91
N ALA B 129 21.40 4.10 -41.06
CA ALA B 129 22.41 3.73 -40.07
C ALA B 129 22.27 2.26 -39.71
N THR B 130 23.38 1.70 -39.25
CA THR B 130 23.55 0.26 -39.16
C THR B 130 24.41 -0.07 -37.95
N GLY B 131 24.18 -1.25 -37.39
CA GLY B 131 24.96 -1.69 -36.25
C GLY B 131 25.03 -3.20 -36.19
N LYS B 132 26.03 -3.70 -35.47
CA LYS B 132 26.15 -5.12 -35.24
C LYS B 132 25.21 -5.56 -34.13
N TYR B 133 24.66 -6.79 -34.24
CA TYR B 133 23.81 -7.30 -33.18
C TYR B 133 24.54 -7.31 -31.85
N GLU B 134 25.85 -7.56 -31.89
CA GLU B 134 26.69 -7.57 -30.69
C GLU B 134 26.65 -6.21 -29.98
N TRP B 135 26.58 -5.11 -30.74
CA TRP B 135 26.55 -3.79 -30.10
C TRP B 135 25.23 -3.55 -29.39
N ILE B 136 24.11 -3.96 -30.00
CA ILE B 136 22.81 -3.78 -29.38
C ILE B 136 22.71 -4.60 -28.11
N VAL B 137 23.21 -5.85 -28.12
CA VAL B 137 23.12 -6.68 -26.91
C VAL B 137 23.98 -6.08 -25.81
N ASN B 138 25.21 -5.65 -26.15
CA ASN B 138 26.04 -4.95 -25.20
C ASN B 138 25.30 -3.78 -24.58
N ALA B 139 24.61 -3.00 -25.40
CA ALA B 139 23.89 -1.86 -24.86
C ALA B 139 22.74 -2.29 -23.98
N ILE B 140 22.02 -3.36 -24.36
CA ILE B 140 20.91 -3.80 -23.52
C ILE B 140 21.43 -4.23 -22.16
N ASN B 141 22.55 -4.96 -22.13
CA ASN B 141 23.16 -5.38 -20.87
C ASN B 141 23.54 -4.19 -20.02
N TYR B 142 24.13 -3.16 -20.65
CA TYR B 142 24.49 -1.96 -19.92
C TYR B 142 23.27 -1.26 -19.34
N ALA B 143 22.21 -1.11 -20.15
CA ALA B 143 20.97 -0.52 -19.65
C ALA B 143 20.48 -1.25 -18.41
N ILE B 144 20.52 -2.58 -18.43
CA ILE B 144 20.08 -3.37 -17.28
C ILE B 144 20.99 -3.09 -16.08
N ASP B 145 22.31 -3.11 -16.31
CA ASP B 145 23.24 -2.83 -15.23
C ASP B 145 23.02 -1.44 -14.66
N GLN B 146 22.64 -0.48 -15.49
CA GLN B 146 22.42 0.89 -15.07
C GLN B 146 21.03 1.10 -14.48
N LYS B 147 20.23 0.04 -14.37
CA LYS B 147 18.94 0.04 -13.68
C LYS B 147 17.99 1.08 -14.26
N VAL B 148 17.95 1.17 -15.59
CA VAL B 148 16.99 2.04 -16.28
C VAL B 148 15.58 1.50 -16.06
N ASP B 149 14.58 2.33 -16.33
CA ASP B 149 13.19 1.91 -16.21
C ASP B 149 12.64 1.39 -17.53
N ILE B 150 13.07 1.98 -18.63
CA ILE B 150 12.52 1.75 -19.97
C ILE B 150 13.69 1.70 -20.95
N ILE B 151 13.60 0.80 -21.94
CA ILE B 151 14.57 0.71 -23.02
C ILE B 151 13.82 0.98 -24.33
N SER B 152 14.30 1.92 -25.13
CA SER B 152 13.58 2.38 -26.32
C SER B 152 14.44 2.07 -27.53
N MET B 153 13.87 1.33 -28.49
CA MET B 153 14.59 0.95 -29.70
C MET B 153 13.73 1.26 -30.92
N SER B 154 14.19 2.19 -31.76
CA SER B 154 13.53 2.40 -33.05
C SER B 154 14.36 1.77 -34.15
N LEU B 155 14.52 0.45 -34.11
CA LEU B 155 15.43 -0.23 -35.03
C LEU B 155 14.92 -1.65 -35.26
N GLY B 156 15.55 -2.36 -36.18
CA GLY B 156 15.13 -3.72 -36.43
C GLY B 156 16.13 -4.47 -37.27
N GLY B 157 16.03 -5.79 -37.20
CA GLY B 157 16.83 -6.67 -38.01
C GLY B 157 15.98 -7.79 -38.54
N PRO B 158 16.41 -8.42 -39.64
CA PRO B 158 15.63 -9.52 -40.21
C PRO B 158 15.83 -10.85 -39.51
N SER B 159 16.82 -10.97 -38.63
CA SER B 159 17.23 -12.24 -38.08
C SER B 159 16.78 -12.41 -36.63
N ASP B 160 16.29 -13.61 -36.31
CA ASP B 160 16.00 -13.99 -34.92
C ASP B 160 17.31 -14.50 -34.34
N VAL B 161 18.03 -13.64 -33.63
CA VAL B 161 19.30 -14.01 -33.02
C VAL B 161 19.03 -14.37 -31.56
N PRO B 162 19.26 -15.62 -31.14
CA PRO B 162 18.89 -16.02 -29.77
C PRO B 162 19.53 -15.16 -28.70
N GLU B 163 20.75 -14.65 -28.95
CA GLU B 163 21.39 -13.80 -27.96
C GLU B 163 20.64 -12.49 -27.78
N LEU B 164 20.07 -11.94 -28.85
CA LEU B 164 19.23 -10.76 -28.71
C LEU B 164 17.96 -11.09 -27.92
N HIS B 165 17.29 -12.20 -28.25
CA HIS B 165 16.09 -12.58 -27.50
C HIS B 165 16.39 -12.73 -26.01
N GLN B 166 17.52 -13.36 -25.68
CA GLN B 166 17.87 -13.58 -24.28
C GLN B 166 18.09 -12.26 -23.54
N ALA B 167 18.69 -11.27 -24.21
CA ALA B 167 18.94 -9.99 -23.54
C ALA B 167 17.65 -9.24 -23.27
N VAL B 168 16.69 -9.35 -24.20
CA VAL B 168 15.35 -8.80 -24.00
C VAL B 168 14.66 -9.46 -22.81
N LYS B 169 14.79 -10.79 -22.70
CA LYS B 169 14.21 -11.51 -21.58
C LYS B 169 14.81 -11.08 -20.25
N ARG B 170 16.14 -10.91 -20.21
CA ARG B 170 16.79 -10.44 -18.99
C ARG B 170 16.26 -9.07 -18.58
N ALA B 171 16.02 -8.17 -19.54
CA ALA B 171 15.53 -6.85 -19.20
C ALA B 171 14.15 -6.95 -18.56
N VAL B 172 13.25 -7.66 -19.22
CA VAL B 172 11.89 -7.84 -18.73
C VAL B 172 11.90 -8.59 -17.40
N GLU B 173 12.77 -9.59 -17.26
CA GLU B 173 12.89 -10.31 -16.00
C GLU B 173 13.39 -9.39 -14.89
N ASN B 174 14.12 -8.33 -15.23
CA ASN B 174 14.52 -7.33 -14.27
C ASN B 174 13.51 -6.18 -14.17
N ASN B 175 12.29 -6.40 -14.68
CA ASN B 175 11.19 -5.44 -14.60
C ASN B 175 11.48 -4.16 -15.36
N ILE B 176 12.23 -4.27 -16.45
CA ILE B 176 12.48 -3.14 -17.34
C ILE B 176 11.58 -3.29 -18.57
N LEU B 177 10.87 -2.21 -18.92
CA LEU B 177 10.03 -2.17 -20.10
C LEU B 177 10.89 -2.06 -21.34
N VAL B 178 10.60 -2.88 -22.34
CA VAL B 178 11.36 -2.89 -23.59
C VAL B 178 10.42 -2.54 -24.72
N VAL B 179 10.69 -1.43 -25.41
CA VAL B 179 9.79 -0.87 -26.42
C VAL B 179 10.52 -0.90 -27.76
N CYS B 180 9.84 -1.37 -28.81
CA CYS B 180 10.52 -1.41 -30.10
C CYS B 180 9.54 -1.17 -31.24
N ALA B 181 10.01 -0.46 -32.26
CA ALA B 181 9.22 -0.21 -33.45
C ALA B 181 9.03 -1.50 -34.23
N ALA B 182 7.82 -1.71 -34.73
CA ALA B 182 7.53 -2.85 -35.59
C ALA B 182 7.87 -2.47 -37.04
N GLY B 183 9.07 -2.84 -37.48
CA GLY B 183 9.50 -2.48 -38.82
C GLY B 183 8.89 -3.33 -39.91
N LEU B 195 12.37 -6.31 -41.22
CA LEU B 195 13.07 -5.87 -40.00
C LEU B 195 12.24 -6.19 -38.77
N SER B 196 12.01 -7.49 -38.53
CA SER B 196 11.00 -7.91 -37.57
C SER B 196 11.50 -7.95 -36.13
N TYR B 197 12.80 -8.03 -35.90
CA TYR B 197 13.32 -8.25 -34.56
C TYR B 197 14.08 -7.03 -34.07
N PRO B 198 14.01 -6.72 -32.77
CA PRO B 198 13.42 -7.55 -31.71
C PRO B 198 11.92 -7.32 -31.43
N ALA B 199 11.24 -6.49 -32.24
CA ALA B 199 9.84 -6.18 -31.95
C ALA B 199 8.94 -7.41 -31.97
N ALA B 200 9.31 -8.44 -32.74
CA ALA B 200 8.46 -9.62 -32.85
C ALA B 200 8.54 -10.54 -31.63
N TYR B 201 9.53 -10.36 -30.76
CA TYR B 201 9.57 -11.17 -29.54
C TYR B 201 8.38 -10.84 -28.65
N ASN B 202 7.78 -11.88 -28.08
CA ASN B 202 6.60 -11.70 -27.26
C ASN B 202 6.85 -10.74 -26.10
N GLU B 203 8.06 -10.71 -25.57
CA GLU B 203 8.36 -9.92 -24.38
C GLU B 203 8.40 -8.43 -24.67
N VAL B 204 8.58 -8.03 -25.93
CA VAL B 204 8.78 -6.63 -26.28
C VAL B 204 7.44 -5.96 -26.54
N ILE B 205 7.34 -4.69 -26.16
CA ILE B 205 6.15 -3.90 -26.48
C ILE B 205 6.30 -3.39 -27.90
N SER B 206 5.54 -3.95 -28.82
CA SER B 206 5.70 -3.65 -30.25
C SER B 206 4.77 -2.52 -30.68
N VAL B 207 5.34 -1.50 -31.34
CA VAL B 207 4.67 -0.23 -31.56
C VAL B 207 4.50 0.00 -33.05
N GLY B 208 3.25 0.15 -33.50
CA GLY B 208 2.96 0.58 -34.85
C GLY B 208 2.70 2.08 -34.89
N ALA B 209 2.53 2.62 -36.10
CA ALA B 209 2.37 4.06 -36.27
C ALA B 209 1.05 4.39 -36.93
N ILE B 210 0.54 5.60 -36.63
CA ILE B 210 -0.62 6.17 -37.31
C ILE B 210 -0.29 7.60 -37.72
N SER B 211 -1.08 8.13 -38.64
CA SER B 211 -1.04 9.56 -38.94
C SER B 211 -1.67 10.35 -37.80
N LEU B 212 -1.44 11.67 -37.82
CA LEU B 212 -2.05 12.55 -36.83
C LEU B 212 -3.56 12.61 -37.02
N ASP B 213 -4.04 12.18 -38.18
CA ASP B 213 -5.46 12.04 -38.49
C ASP B 213 -6.04 10.73 -38.00
N GLY B 214 -5.23 9.82 -37.46
CA GLY B 214 -5.73 8.52 -37.05
C GLY B 214 -5.85 7.47 -38.14
N GLN B 215 -5.10 7.60 -39.23
CA GLN B 215 -5.16 6.59 -40.28
C GLN B 215 -3.98 5.62 -40.12
N GLU B 225 2.15 -8.29 -35.14
CA GLU B 225 1.65 -8.51 -33.78
C GLU B 225 1.91 -7.30 -32.90
N ILE B 226 1.12 -6.27 -33.12
CA ILE B 226 1.29 -4.94 -32.56
C ILE B 226 0.68 -4.87 -31.17
N ASP B 227 1.36 -4.20 -30.24
CA ASP B 227 0.73 -3.96 -28.94
C ASP B 227 -0.08 -2.67 -28.93
N VAL B 228 0.49 -1.57 -29.43
CA VAL B 228 -0.11 -0.24 -29.41
C VAL B 228 0.34 0.49 -30.67
N VAL B 229 -0.35 1.58 -31.00
CA VAL B 229 0.13 2.50 -32.03
C VAL B 229 0.29 3.88 -31.42
N ALA B 230 1.02 4.74 -32.15
CA ALA B 230 1.26 6.11 -31.75
C ALA B 230 1.60 6.91 -33.00
N PRO B 231 1.51 8.24 -32.95
CA PRO B 231 1.74 9.02 -34.17
C PRO B 231 3.17 8.85 -34.69
N GLY B 232 3.28 8.59 -35.99
CA GLY B 232 4.57 8.45 -36.63
C GLY B 232 4.78 9.36 -37.83
N GLU B 233 3.79 10.18 -38.17
CA GLU B 233 3.82 10.97 -39.41
C GLU B 233 3.84 12.46 -39.08
N LYS B 234 4.75 13.19 -39.74
CA LYS B 234 4.92 14.62 -39.51
C LYS B 234 5.24 14.92 -38.04
N ILE B 235 6.28 14.26 -37.53
CA ILE B 235 6.68 14.37 -36.13
C ILE B 235 7.84 15.37 -36.04
N LEU B 236 7.59 16.50 -35.37
CA LEU B 236 8.59 17.52 -35.13
C LEU B 236 9.40 17.20 -33.87
N SER B 237 10.73 17.27 -33.97
CA SER B 237 11.59 17.03 -32.81
C SER B 237 12.97 17.66 -33.05
N THR B 238 13.89 17.39 -32.14
CA THR B 238 15.23 17.99 -32.12
C THR B 238 16.20 17.24 -33.03
N ILE B 239 17.08 17.98 -33.71
CA ILE B 239 18.19 17.36 -34.46
C ILE B 239 19.48 18.06 -34.04
N PRO B 240 20.64 17.42 -34.32
CA PRO B 240 21.92 17.99 -33.85
C PRO B 240 22.18 19.41 -34.38
N GLY B 241 23.05 20.12 -33.65
CA GLY B 241 23.33 21.50 -33.95
C GLY B 241 22.29 22.48 -33.44
N GLY B 242 21.41 22.08 -32.53
CA GLY B 242 20.42 23.00 -31.99
C GLY B 242 19.23 23.25 -32.89
N LYS B 243 19.02 22.42 -33.90
CA LYS B 243 17.99 22.64 -34.88
C LYS B 243 16.84 21.65 -34.66
N PHE B 244 15.91 21.63 -35.60
CA PHE B 244 14.70 20.81 -35.48
C PHE B 244 14.36 20.24 -36.85
N ALA B 245 13.56 19.19 -36.84
CA ALA B 245 13.16 18.58 -38.10
C ALA B 245 11.86 17.83 -37.90
N VAL B 246 11.12 17.70 -39.00
CA VAL B 246 9.89 16.92 -39.06
C VAL B 246 10.20 15.63 -39.81
N PHE B 247 10.09 14.49 -39.12
CA PHE B 247 10.27 13.17 -39.69
C PHE B 247 8.94 12.44 -39.81
N SER B 248 8.83 11.55 -40.79
CA SER B 248 7.72 10.61 -40.90
C SER B 248 8.27 9.20 -41.06
N GLY B 249 7.74 8.28 -40.29
CA GLY B 249 8.18 6.91 -40.35
C GLY B 249 7.67 6.12 -39.17
N THR B 250 7.69 4.80 -39.33
CA THR B 250 7.22 3.90 -38.29
C THR B 250 7.97 4.11 -36.98
N SER B 251 9.29 4.29 -37.06
CA SER B 251 10.09 4.40 -35.85
C SER B 251 9.77 5.67 -35.05
N MET B 252 9.16 6.67 -35.66
CA MET B 252 8.79 7.88 -34.94
C MET B 252 7.67 7.59 -33.90
N ALA B 253 6.98 6.48 -34.02
CA ALA B 253 5.93 6.16 -33.06
C ALA B 253 6.51 5.71 -31.73
N THR B 254 7.60 4.95 -31.76
CA THR B 254 8.14 4.33 -30.54
C THR B 254 8.53 5.34 -29.46
N PRO B 255 9.24 6.43 -29.75
CA PRO B 255 9.56 7.39 -28.67
C PRO B 255 8.33 7.95 -27.99
N HIS B 256 7.20 8.06 -28.70
CA HIS B 256 5.98 8.50 -28.02
C HIS B 256 5.57 7.50 -26.95
N VAL B 257 5.68 6.21 -27.24
CA VAL B 257 5.27 5.19 -26.28
C VAL B 257 6.27 5.12 -25.12
N SER B 258 7.57 5.28 -25.42
CA SER B 258 8.58 5.26 -24.38
C SER B 258 8.41 6.43 -23.41
N GLY B 259 8.22 7.64 -23.94
CA GLY B 259 7.92 8.76 -23.06
C GLY B 259 6.60 8.58 -22.32
N ALA B 260 5.58 8.07 -23.01
CA ALA B 260 4.31 7.80 -22.32
C ALA B 260 4.50 6.82 -21.16
N LEU B 261 5.31 5.77 -21.37
CA LEU B 261 5.52 4.81 -20.29
C LEU B 261 6.25 5.45 -19.11
N ALA B 262 7.07 6.47 -19.35
CA ALA B 262 7.72 7.15 -18.23
C ALA B 262 6.68 7.91 -17.40
N LEU B 263 5.72 8.56 -18.06
CA LEU B 263 4.63 9.20 -17.31
C LEU B 263 3.85 8.16 -16.55
N ILE B 264 3.51 7.06 -17.22
CA ILE B 264 2.67 6.03 -16.62
C ILE B 264 3.36 5.40 -15.42
N LYS B 265 4.66 5.09 -15.53
CA LYS B 265 5.32 4.49 -14.38
C LYS B 265 5.38 5.46 -13.19
N GLN B 266 5.72 6.73 -13.42
CA GLN B 266 5.72 7.68 -12.32
C GLN B 266 4.32 7.79 -11.72
N LEU B 267 3.32 7.99 -12.57
CA LEU B 267 1.94 8.10 -12.11
C LEU B 267 1.52 6.86 -11.32
N SER B 268 1.71 5.69 -11.91
CA SER B 268 1.15 4.48 -11.31
C SER B 268 1.86 4.09 -10.02
N GLU B 269 3.19 4.22 -9.98
CA GLU B 269 3.87 3.86 -8.73
C GLU B 269 3.49 4.84 -7.62
N LYS B 270 3.24 6.09 -7.98
CA LYS B 270 2.76 7.07 -7.00
C LYS B 270 1.38 6.69 -6.48
N GLU B 271 0.44 6.38 -7.38
CA GLU B 271 -0.94 6.15 -6.97
C GLU B 271 -1.11 4.78 -6.31
N PHE B 272 -0.41 3.75 -6.81
CA PHE B 272 -0.42 2.45 -6.16
C PHE B 272 0.45 2.41 -4.91
N GLU B 273 1.31 3.40 -4.72
CA GLU B 273 2.16 3.55 -3.53
C GLU B 273 3.10 2.36 -3.36
N ARG B 274 3.76 1.97 -4.45
CA ARG B 274 4.68 0.83 -4.46
C ARG B 274 5.30 0.69 -5.84
N ASN B 275 6.44 0.02 -5.90
CA ASN B 275 7.00 -0.36 -7.19
C ASN B 275 6.10 -1.37 -7.89
N LEU B 276 5.90 -1.16 -9.19
CA LEU B 276 5.08 -2.05 -10.01
C LEU B 276 5.98 -2.94 -10.86
N THR B 277 5.54 -4.18 -11.11
CA THR B 277 6.31 -5.05 -11.97
C THR B 277 6.11 -4.68 -13.44
N GLU B 278 6.95 -5.22 -14.29
CA GLU B 278 6.81 -4.95 -15.74
C GLU B 278 5.47 -5.44 -16.28
N PRO B 279 4.94 -6.60 -15.89
CA PRO B 279 3.59 -6.96 -16.37
C PRO B 279 2.51 -6.02 -15.89
N GLU B 280 2.62 -5.51 -14.66
CA GLU B 280 1.64 -4.53 -14.20
C GLU B 280 1.76 -3.22 -14.98
N LEU B 281 2.99 -2.77 -15.22
CA LEU B 281 3.18 -1.53 -15.97
C LEU B 281 2.72 -1.68 -17.42
N TYR B 282 2.97 -2.84 -18.04
CA TYR B 282 2.42 -3.09 -19.38
C TYR B 282 0.90 -2.96 -19.38
N ALA B 283 0.26 -3.49 -18.34
CA ALA B 283 -1.19 -3.36 -18.23
C ALA B 283 -1.59 -1.90 -18.02
N GLN B 284 -0.77 -1.13 -17.31
CA GLN B 284 -1.08 0.30 -17.16
C GLN B 284 -0.99 1.01 -18.51
N LEU B 285 -0.10 0.56 -19.39
CA LEU B 285 -0.09 1.09 -20.76
C LEU B 285 -1.36 0.70 -21.51
N ILE B 286 -1.72 -0.58 -21.46
CA ILE B 286 -2.86 -1.04 -22.26
C ILE B 286 -4.16 -0.43 -21.74
N LYS B 287 -4.22 -0.12 -20.44
CA LYS B 287 -5.34 0.62 -19.89
C LYS B 287 -5.44 2.01 -20.52
N ARG B 288 -4.32 2.59 -20.91
CA ARG B 288 -4.30 3.95 -21.45
C ARG B 288 -4.14 3.92 -22.97
N THR B 289 -5.09 3.24 -23.61
CA THR B 289 -5.18 3.21 -25.07
C THR B 289 -6.59 3.54 -25.52
N MET B 290 -6.66 4.15 -26.70
CA MET B 290 -7.93 4.50 -27.34
C MET B 290 -8.10 3.63 -28.58
N PRO B 291 -9.08 2.72 -28.62
CA PRO B 291 -9.31 1.97 -29.85
C PRO B 291 -9.71 2.92 -30.97
N LEU B 292 -9.27 2.63 -32.19
CA LEU B 292 -9.54 3.51 -33.32
C LEU B 292 -10.52 2.93 -34.33
N GLY B 293 -11.01 1.71 -34.13
CA GLY B 293 -11.96 1.10 -35.06
C GLY B 293 -11.35 0.16 -36.08
N PHE B 294 -10.04 0.00 -36.08
CA PHE B 294 -9.37 -0.93 -36.98
C PHE B 294 -9.30 -2.32 -36.35
N PRO B 295 -9.09 -3.35 -37.16
CA PRO B 295 -8.83 -4.68 -36.58
C PRO B 295 -7.61 -4.64 -35.69
N LYS B 296 -7.63 -5.47 -34.64
CA LYS B 296 -6.52 -5.53 -33.72
C LYS B 296 -5.24 -6.01 -34.39
N ALA B 297 -5.36 -6.73 -35.51
CA ALA B 297 -4.19 -7.13 -36.27
C ALA B 297 -3.42 -5.92 -36.80
N LEU B 298 -4.10 -4.78 -36.96
CA LEU B 298 -3.45 -3.55 -37.42
C LEU B 298 -3.09 -2.61 -36.27
N GLU B 299 -4.02 -2.33 -35.37
CA GLU B 299 -3.84 -1.28 -34.36
C GLU B 299 -3.49 -1.83 -32.98
N GLY B 300 -3.48 -3.15 -32.81
CA GLY B 300 -3.29 -3.72 -31.48
C GLY B 300 -4.38 -3.25 -30.54
N ASN B 301 -3.98 -2.75 -29.39
CA ASN B 301 -4.91 -2.20 -28.41
C ASN B 301 -5.30 -0.76 -28.71
N GLY B 302 -4.74 -0.15 -29.73
CA GLY B 302 -5.13 1.18 -30.11
C GLY B 302 -4.04 2.21 -29.90
N LEU B 303 -4.47 3.47 -29.92
CA LEU B 303 -3.57 4.60 -29.80
C LEU B 303 -3.25 4.86 -28.34
N VAL B 304 -1.97 5.04 -28.01
CA VAL B 304 -1.63 5.42 -26.64
C VAL B 304 -2.33 6.73 -26.34
N TYR B 305 -3.09 6.74 -25.24
CA TYR B 305 -4.04 7.84 -24.98
C TYR B 305 -4.13 8.01 -23.47
N LEU B 306 -3.29 8.89 -22.94
CA LEU B 306 -2.91 8.82 -21.52
C LEU B 306 -4.08 9.11 -20.58
N THR B 307 -5.09 9.83 -21.04
CA THR B 307 -6.22 10.22 -20.20
C THR B 307 -7.37 9.24 -20.28
N ALA B 308 -7.22 8.12 -20.99
CA ALA B 308 -8.35 7.20 -21.18
C ALA B 308 -9.06 6.85 -19.88
N PRO B 309 -8.38 6.45 -18.80
CA PRO B 309 -9.13 6.15 -17.57
C PRO B 309 -9.87 7.35 -17.02
N ASN B 310 -9.33 8.57 -17.20
CA ASN B 310 -10.06 9.76 -16.78
C ASN B 310 -11.35 9.91 -17.56
N LEU B 311 -11.26 9.76 -18.88
CA LEU B 311 -12.46 9.81 -19.72
C LEU B 311 -13.46 8.75 -19.29
N LEU B 312 -12.98 7.55 -19.00
CA LEU B 312 -13.88 6.47 -18.62
C LEU B 312 -14.61 6.79 -17.32
N SER B 313 -13.90 7.32 -16.34
CA SER B 313 -14.48 7.59 -15.02
C SER B 313 -15.69 8.49 -15.10
N THR C 4 -11.82 24.33 40.58
CA THR C 4 -12.88 23.39 40.15
C THR C 4 -13.58 23.78 38.83
N ILE C 5 -13.72 22.80 37.94
CA ILE C 5 -14.58 22.91 36.76
C ILE C 5 -15.71 21.91 36.96
N ARG C 6 -16.94 22.32 36.62
CA ARG C 6 -18.10 21.47 36.81
C ARG C 6 -18.81 21.21 35.49
N LEU C 7 -19.31 20.00 35.35
CA LEU C 7 -20.11 19.57 34.20
C LEU C 7 -21.54 20.05 34.35
N ILE C 8 -22.14 20.39 33.21
CA ILE C 8 -23.62 20.39 33.15
C ILE C 8 -24.13 19.09 33.75
N PRO C 9 -25.17 19.09 34.59
CA PRO C 9 -25.78 17.82 34.99
C PRO C 9 -26.19 17.04 33.75
N PHE C 10 -25.68 15.81 33.64
CA PHE C 10 -25.97 14.96 32.48
C PHE C 10 -27.25 14.17 32.81
N LYS C 11 -28.38 14.86 32.66
CA LYS C 11 -29.71 14.28 32.86
C LYS C 11 -30.23 13.85 31.50
N ILE C 12 -30.05 12.56 31.15
CA ILE C 12 -30.43 12.13 29.82
C ILE C 12 -31.94 12.27 29.63
N GLU C 13 -32.33 12.58 28.40
CA GLU C 13 -33.72 12.80 28.07
C GLU C 13 -34.44 11.51 27.71
N GLU C 14 -33.74 10.58 27.07
CA GLU C 14 -34.25 9.25 26.79
C GLU C 14 -33.15 8.23 27.03
N LYS C 15 -33.56 7.01 27.35
CA LYS C 15 -32.67 5.89 27.52
C LYS C 15 -33.18 4.75 26.66
N LEU C 16 -32.30 4.13 25.88
CA LEU C 16 -32.71 3.05 24.98
C LEU C 16 -31.78 1.85 25.16
N GLU C 17 -32.37 0.66 25.21
CA GLU C 17 -31.57 -0.56 25.33
C GLU C 17 -30.89 -0.91 24.02
N SER C 18 -31.52 -0.60 22.89
CA SER C 18 -31.02 -0.99 21.58
C SER C 18 -31.43 0.06 20.57
N VAL C 19 -30.55 0.31 19.60
CA VAL C 19 -30.86 1.16 18.44
C VAL C 19 -30.00 0.65 17.28
N LYS C 20 -30.36 1.06 16.07
CA LYS C 20 -29.51 0.81 14.90
C LYS C 20 -29.74 1.95 13.91
N GLU C 21 -28.95 3.02 14.05
CA GLU C 21 -29.10 4.18 13.19
C GLU C 21 -27.88 5.07 13.29
N ILE C 22 -27.72 5.87 12.23
CA ILE C 22 -26.78 6.98 12.21
C ILE C 22 -27.46 8.18 12.85
N PRO C 23 -26.92 8.71 13.95
CA PRO C 23 -27.58 9.82 14.64
C PRO C 23 -27.73 11.04 13.73
N GLU C 24 -28.82 11.78 13.96
CA GLU C 24 -29.17 12.89 13.07
C GLU C 24 -28.05 13.94 13.00
N GLY C 25 -27.41 14.22 14.14
CA GLY C 25 -26.31 15.18 14.13
C GLY C 25 -25.17 14.76 13.21
N VAL C 26 -24.85 13.46 13.20
CA VAL C 26 -23.85 12.92 12.28
C VAL C 26 -24.27 13.10 10.84
N ASN C 27 -25.56 12.87 10.55
CA ASN C 27 -26.07 13.10 9.21
C ASN C 27 -25.96 14.57 8.83
N MET C 28 -26.22 15.46 9.78
CA MET C 28 -26.36 16.88 9.44
C MET C 28 -25.04 17.50 9.00
N VAL C 29 -23.93 17.07 9.62
CA VAL C 29 -22.63 17.63 9.25
C VAL C 29 -22.08 16.95 8.01
N GLN C 30 -22.82 16.02 7.42
CA GLN C 30 -22.51 15.36 6.14
C GLN C 30 -21.37 14.35 6.26
N ALA C 31 -21.17 13.79 7.45
CA ALA C 31 -20.11 12.80 7.62
C ALA C 31 -20.29 11.57 6.73
N PRO C 32 -21.48 10.95 6.64
CA PRO C 32 -21.60 9.76 5.78
C PRO C 32 -21.22 10.01 4.33
N GLU C 33 -21.37 11.25 3.84
CA GLU C 33 -20.92 11.57 2.49
C GLU C 33 -19.40 11.57 2.38
N ILE C 34 -18.70 11.91 3.47
CA ILE C 34 -17.25 11.75 3.47
C ILE C 34 -16.85 10.29 3.62
N TRP C 35 -17.59 9.50 4.39
CA TRP C 35 -17.25 8.07 4.47
C TRP C 35 -17.26 7.42 3.10
N LYS C 36 -18.17 7.85 2.23
CA LYS C 36 -18.26 7.29 0.88
C LYS C 36 -17.02 7.57 0.05
N GLU C 37 -16.27 8.62 0.37
CA GLU C 37 -14.97 8.82 -0.24
C GLU C 37 -13.91 7.89 0.31
N GLY C 38 -14.26 7.05 1.29
CA GLY C 38 -13.30 6.18 1.95
C GLY C 38 -12.56 6.80 3.11
N ILE C 39 -13.09 7.88 3.69
CA ILE C 39 -12.44 8.60 4.78
C ILE C 39 -13.31 8.42 6.01
N ARG C 40 -12.77 7.75 7.02
CA ARG C 40 -13.52 7.55 8.26
C ARG C 40 -12.70 7.93 9.50
N GLY C 41 -11.56 8.59 9.34
CA GLY C 41 -10.73 8.95 10.47
C GLY C 41 -9.66 7.94 10.84
N LYS C 42 -9.37 6.99 9.95
CA LYS C 42 -8.39 5.95 10.23
C LYS C 42 -7.04 6.55 10.65
N ASP C 43 -6.50 6.04 11.76
CA ASP C 43 -5.20 6.41 12.33
C ASP C 43 -5.18 7.79 12.97
N ILE C 44 -6.33 8.45 13.12
CA ILE C 44 -6.41 9.71 13.87
C ILE C 44 -6.72 9.37 15.33
N VAL C 45 -6.01 10.02 16.25
CA VAL C 45 -6.23 9.84 17.68
C VAL C 45 -6.81 11.12 18.26
N ILE C 46 -7.92 10.97 18.98
CA ILE C 46 -8.60 12.08 19.66
C ILE C 46 -8.56 11.82 21.16
N ALA C 47 -7.97 12.76 21.91
CA ALA C 47 -8.02 12.73 23.37
C ALA C 47 -9.35 13.30 23.82
N VAL C 48 -10.10 12.50 24.58
CA VAL C 48 -11.40 12.91 25.10
C VAL C 48 -11.24 13.20 26.58
N ILE C 49 -11.32 14.48 26.94
CA ILE C 49 -11.13 14.94 28.32
C ILE C 49 -12.51 15.17 28.92
N ASP C 50 -12.93 14.26 29.80
CA ASP C 50 -14.34 14.17 30.22
C ASP C 50 -14.49 13.28 31.45
N THR C 51 -15.62 12.59 31.59
CA THR C 51 -15.90 11.78 32.77
C THR C 51 -15.42 10.34 32.65
N GLY C 52 -14.62 10.04 31.65
CA GLY C 52 -14.23 8.65 31.40
C GLY C 52 -15.07 8.06 30.29
N CYS C 53 -14.97 6.73 30.16
CA CYS C 53 -15.68 6.05 29.08
C CYS C 53 -15.81 4.57 29.44
N ASP C 54 -16.95 3.97 29.06
CA ASP C 54 -17.14 2.53 29.23
C ASP C 54 -16.46 1.82 28.06
N ARG C 55 -15.29 1.29 28.31
CA ARG C 55 -14.51 0.66 27.26
C ARG C 55 -15.11 -0.62 26.69
N ASP C 56 -16.11 -1.16 27.35
CA ASP C 56 -16.74 -2.41 26.94
C ASP C 56 -17.96 -2.21 26.05
N HIS C 57 -18.37 -0.97 25.80
CA HIS C 57 -19.51 -0.74 24.94
C HIS C 57 -19.21 -1.29 23.54
N PRO C 58 -20.10 -2.11 22.97
CA PRO C 58 -19.86 -2.66 21.63
C PRO C 58 -19.45 -1.63 20.57
N ASP C 59 -20.00 -0.42 20.61
CA ASP C 59 -19.67 0.59 19.60
C ASP C 59 -18.33 1.28 19.85
N LEU C 60 -17.72 1.09 21.03
CA LEU C 60 -16.49 1.79 21.39
C LEU C 60 -15.28 0.90 21.64
N LYS C 61 -15.47 -0.40 21.87
CA LYS C 61 -14.37 -1.28 22.28
C LYS C 61 -13.21 -1.26 21.28
N ASP C 62 -13.52 -1.24 20.00
CA ASP C 62 -12.54 -1.26 18.93
C ASP C 62 -11.94 0.12 18.65
N ARG C 63 -12.41 1.15 19.34
CA ARG C 63 -11.96 2.51 19.09
C ARG C 63 -11.05 3.06 20.18
N ILE C 64 -10.98 2.42 21.34
CA ILE C 64 -10.23 2.98 22.47
C ILE C 64 -8.80 2.47 22.44
N ILE C 65 -7.85 3.39 22.25
CA ILE C 65 -6.43 3.05 22.26
C ILE C 65 -5.87 2.96 23.67
N GLY C 66 -6.58 3.49 24.65
CA GLY C 66 -6.10 3.52 26.02
C GLY C 66 -6.70 4.71 26.72
N GLY C 67 -6.25 4.94 27.95
CA GLY C 67 -6.83 6.02 28.71
C GLY C 67 -6.09 6.24 30.00
N ARG C 68 -6.54 7.24 30.75
CA ARG C 68 -5.91 7.54 32.02
C ARG C 68 -6.87 8.29 32.92
N ASN C 69 -6.85 7.96 34.20
CA ASN C 69 -7.71 8.56 35.20
C ASN C 69 -6.89 9.53 36.06
N PHE C 70 -7.29 10.79 36.04
CA PHE C 70 -6.62 11.82 36.81
C PHE C 70 -7.34 12.17 38.10
N THR C 71 -8.51 11.61 38.33
CA THR C 71 -9.35 11.93 39.47
C THR C 71 -9.08 10.98 40.63
N THR C 72 -9.76 11.25 41.74
CA THR C 72 -9.72 10.44 42.95
C THR C 72 -10.66 9.23 42.88
N ASP C 73 -11.45 9.10 41.81
CA ASP C 73 -12.30 7.93 41.63
C ASP C 73 -11.46 6.66 41.65
N ASP C 74 -12.04 5.58 42.18
CA ASP C 74 -11.38 4.29 42.23
C ASP C 74 -10.01 4.39 42.88
N ASN C 75 -9.93 5.18 43.97
CA ASN C 75 -8.70 5.37 44.74
C ASN C 75 -7.55 5.89 43.91
N GLY C 76 -7.84 6.65 42.86
CA GLY C 76 -6.78 7.21 42.04
C GLY C 76 -6.09 6.23 41.12
N ASP C 77 -6.65 5.04 40.90
CA ASP C 77 -6.11 4.09 39.93
C ASP C 77 -6.02 4.77 38.58
N VAL C 78 -4.81 5.08 38.13
CA VAL C 78 -4.64 5.83 36.91
C VAL C 78 -5.09 5.05 35.68
N ASP C 79 -5.20 3.73 35.79
CA ASP C 79 -5.61 2.90 34.65
C ASP C 79 -7.11 2.68 34.57
N ASN C 80 -7.88 3.17 35.53
CA ASN C 80 -9.33 2.93 35.57
C ASN C 80 -10.04 4.23 35.18
N TYR C 81 -10.38 4.35 33.90
CA TYR C 81 -11.14 5.50 33.42
C TYR C 81 -12.62 5.16 33.21
N SER C 82 -13.17 4.29 34.07
CA SER C 82 -14.59 3.97 34.01
C SER C 82 -15.46 5.22 34.09
N ASP C 83 -16.56 5.20 33.37
CA ASP C 83 -17.50 6.33 33.34
C ASP C 83 -18.68 6.02 34.26
N TYR C 84 -18.75 6.71 35.39
CA TYR C 84 -19.87 6.57 36.32
C TYR C 84 -20.91 7.65 36.10
N ASN C 85 -20.70 8.54 35.13
CA ASN C 85 -21.60 9.63 34.83
C ASN C 85 -22.43 9.39 33.56
N GLY C 86 -21.77 8.99 32.47
CA GLY C 86 -22.44 8.76 31.21
C GLY C 86 -22.02 9.76 30.16
N HIS C 87 -21.69 10.98 30.60
CA HIS C 87 -21.41 12.07 29.67
C HIS C 87 -20.20 11.75 28.78
N GLY C 88 -19.12 11.23 29.38
CA GLY C 88 -17.92 10.95 28.60
C GLY C 88 -18.15 9.87 27.57
N THR C 89 -18.93 8.85 27.92
CA THR C 89 -19.24 7.79 26.97
C THR C 89 -20.10 8.31 25.83
N HIS C 90 -21.08 9.16 26.15
CA HIS C 90 -21.94 9.77 25.13
C HIS C 90 -21.13 10.59 24.15
N VAL C 91 -20.24 11.43 24.68
CA VAL C 91 -19.37 12.24 23.85
C VAL C 91 -18.48 11.35 22.99
N ALA C 92 -17.90 10.30 23.56
CA ALA C 92 -17.02 9.43 22.79
C ALA C 92 -17.75 8.79 21.61
N GLY C 93 -19.01 8.41 21.81
CA GLY C 93 -19.76 7.78 20.74
C GLY C 93 -20.05 8.71 19.58
N THR C 94 -20.32 9.99 19.87
CA THR C 94 -20.55 10.95 18.80
C THR C 94 -19.28 11.15 17.97
N ILE C 95 -18.12 11.16 18.62
CA ILE C 95 -16.87 11.31 17.88
C ILE C 95 -16.64 10.12 16.95
N ALA C 96 -16.87 8.90 17.46
CA ALA C 96 -16.22 7.77 16.80
C ALA C 96 -16.88 6.41 17.04
N ALA C 97 -18.18 6.34 17.36
CA ALA C 97 -18.80 5.03 17.51
C ALA C 97 -18.63 4.21 16.23
N THR C 98 -18.37 2.91 16.41
CA THR C 98 -17.93 2.08 15.30
C THR C 98 -19.08 1.80 14.33
N GLU C 99 -18.79 1.82 13.03
CA GLU C 99 -19.78 1.38 12.05
C GLU C 99 -19.68 -0.14 11.97
N ASN C 100 -20.65 -0.84 12.57
CA ASN C 100 -20.67 -2.29 12.66
C ASN C 100 -22.08 -2.82 12.45
N ASP C 101 -22.89 -2.12 11.67
CA ASP C 101 -24.29 -2.49 11.43
C ASP C 101 -25.05 -2.73 12.74
N GLN C 102 -24.76 -1.94 13.76
CA GLN C 102 -25.49 -2.06 15.02
C GLN C 102 -25.24 -0.78 15.82
N GLY C 103 -26.14 -0.49 16.75
CA GLY C 103 -25.97 0.66 17.63
C GLY C 103 -25.91 1.95 16.84
N VAL C 104 -24.99 2.83 17.23
CA VAL C 104 -24.81 4.12 16.57
C VAL C 104 -23.50 4.13 15.81
N VAL C 105 -23.29 5.20 15.05
CA VAL C 105 -22.06 5.46 14.33
C VAL C 105 -21.67 6.91 14.60
N GLY C 106 -20.39 7.14 14.89
CA GLY C 106 -19.88 8.47 15.13
C GLY C 106 -19.47 9.17 13.84
N VAL C 107 -19.01 10.41 13.99
CA VAL C 107 -18.58 11.18 12.83
C VAL C 107 -17.35 10.56 12.20
N ALA C 108 -16.42 10.05 13.02
CA ALA C 108 -15.18 9.46 12.55
C ALA C 108 -15.11 8.02 13.05
N PRO C 109 -15.86 7.11 12.43
CA PRO C 109 -16.06 5.77 12.99
C PRO C 109 -14.85 4.84 12.90
N GLU C 110 -13.74 5.26 12.28
CA GLU C 110 -12.51 4.49 12.34
C GLU C 110 -11.42 5.17 13.16
N ALA C 111 -11.70 6.32 13.77
CA ALA C 111 -10.71 7.00 14.60
C ALA C 111 -10.51 6.27 15.93
N LYS C 112 -9.40 6.56 16.59
CA LYS C 112 -9.14 6.02 17.93
C LYS C 112 -9.26 7.10 19.00
N LEU C 113 -9.61 6.67 20.20
CA LEU C 113 -9.84 7.59 21.31
C LEU C 113 -8.88 7.30 22.45
N LEU C 114 -8.33 8.37 23.01
CA LEU C 114 -7.55 8.34 24.23
C LEU C 114 -8.43 8.93 25.32
N ILE C 115 -8.84 8.10 26.29
CA ILE C 115 -9.88 8.48 27.24
C ILE C 115 -9.21 9.08 28.48
N LEU C 116 -9.37 10.39 28.69
CA LEU C 116 -8.75 11.09 29.81
C LEU C 116 -9.83 11.53 30.78
N LYS C 117 -9.94 10.82 31.90
CA LYS C 117 -10.98 11.09 32.89
C LYS C 117 -10.48 12.14 33.87
N VAL C 118 -11.21 13.26 33.94
CA VAL C 118 -10.82 14.39 34.79
C VAL C 118 -11.96 14.89 35.65
N LEU C 119 -13.14 14.27 35.57
CA LEU C 119 -14.33 14.75 36.28
C LEU C 119 -14.90 13.60 37.09
N ALA C 120 -15.10 13.83 38.38
CA ALA C 120 -15.68 12.84 39.28
C ALA C 120 -17.05 13.32 39.74
N ASN C 121 -17.98 12.37 39.88
CA ASN C 121 -19.36 12.73 40.21
C ASN C 121 -19.45 13.51 41.51
N ASP C 122 -20.34 14.49 41.53
CA ASP C 122 -20.61 15.31 42.71
C ASP C 122 -21.55 14.58 43.66
N GLY C 127 -26.74 15.09 39.08
CA GLY C 127 -25.90 14.32 38.16
C GLY C 127 -24.79 15.11 37.46
N SER C 128 -24.09 15.94 38.23
CA SER C 128 -22.97 16.70 37.72
C SER C 128 -21.66 16.02 38.13
N ALA C 129 -20.55 16.62 37.69
CA ALA C 129 -19.23 16.08 37.99
C ALA C 129 -18.27 17.27 38.07
N THR C 130 -17.21 17.13 38.87
CA THR C 130 -16.23 18.20 39.01
C THR C 130 -14.81 17.67 38.86
N GLY C 131 -13.93 18.55 38.41
CA GLY C 131 -12.53 18.23 38.30
C GLY C 131 -11.66 19.42 38.69
N LYS C 132 -10.60 19.15 39.45
CA LYS C 132 -9.65 20.18 39.82
C LYS C 132 -8.94 20.72 38.58
N TYR C 133 -8.61 22.01 38.59
CA TYR C 133 -7.88 22.59 37.46
C TYR C 133 -6.65 21.77 37.11
N GLU C 134 -5.90 21.34 38.12
CA GLU C 134 -4.64 20.64 37.83
C GLU C 134 -4.89 19.29 37.15
N TRP C 135 -6.00 18.61 37.46
CA TRP C 135 -6.34 17.40 36.73
C TRP C 135 -6.49 17.69 35.23
N ILE C 136 -7.15 18.79 34.88
CA ILE C 136 -7.39 19.09 33.48
C ILE C 136 -6.11 19.51 32.79
N VAL C 137 -5.30 20.32 33.48
CA VAL C 137 -3.98 20.68 32.98
C VAL C 137 -3.15 19.44 32.73
N ASN C 138 -3.14 18.53 33.71
CA ASN C 138 -2.39 17.28 33.56
C ASN C 138 -2.89 16.48 32.37
N ALA C 139 -4.21 16.42 32.16
CA ALA C 139 -4.74 15.68 31.01
C ALA C 139 -4.27 16.28 29.69
N ILE C 140 -4.34 17.61 29.58
CA ILE C 140 -3.89 18.24 28.35
C ILE C 140 -2.40 17.94 28.12
N ASN C 141 -1.58 18.05 29.17
CA ASN C 141 -0.15 17.76 29.02
C ASN C 141 0.10 16.30 28.66
N TYR C 142 -0.68 15.38 29.24
CA TYR C 142 -0.55 13.97 28.87
C TYR C 142 -0.95 13.75 27.40
N ALA C 143 -2.04 14.37 26.95
CA ALA C 143 -2.42 14.23 25.54
C ALA C 143 -1.33 14.75 24.61
N ILE C 144 -0.63 15.82 25.01
CA ILE C 144 0.47 16.34 24.20
C ILE C 144 1.64 15.34 24.17
N ASP C 145 2.04 14.83 25.34
CA ASP C 145 3.10 13.83 25.39
C ASP C 145 2.75 12.59 24.57
N GLN C 146 1.47 12.21 24.53
CA GLN C 146 1.02 11.07 23.73
C GLN C 146 0.82 11.41 22.26
N LYS C 147 1.06 12.66 21.87
CA LYS C 147 1.06 13.10 20.47
C LYS C 147 -0.24 12.75 19.75
N VAL C 148 -1.37 12.96 20.43
CA VAL C 148 -2.68 12.85 19.80
C VAL C 148 -2.82 13.95 18.74
N ASP C 149 -3.81 13.80 17.86
CA ASP C 149 -4.07 14.77 16.81
C ASP C 149 -5.04 15.86 17.24
N ILE C 150 -6.00 15.50 18.10
CA ILE C 150 -7.12 16.36 18.48
C ILE C 150 -7.38 16.19 19.97
N ILE C 151 -7.65 17.30 20.64
CA ILE C 151 -8.09 17.29 22.04
C ILE C 151 -9.52 17.81 22.06
N SER C 152 -10.42 17.05 22.69
CA SER C 152 -11.84 17.37 22.65
C SER C 152 -12.31 17.61 24.09
N MET C 153 -12.78 18.81 24.38
CA MET C 153 -13.15 19.21 25.75
C MET C 153 -14.57 19.74 25.74
N SER C 154 -15.54 18.89 26.08
CA SER C 154 -16.93 19.32 26.25
C SER C 154 -17.15 19.78 27.69
N LEU C 155 -16.33 20.74 28.11
CA LEU C 155 -16.40 21.24 29.47
C LEU C 155 -15.79 22.64 29.48
N GLY C 156 -15.96 23.32 30.59
CA GLY C 156 -15.36 24.62 30.77
C GLY C 156 -15.89 25.29 32.02
N GLY C 157 -15.36 26.47 32.28
CA GLY C 157 -15.78 27.26 33.41
C GLY C 157 -15.70 28.73 33.10
N PRO C 158 -16.26 29.57 33.98
CA PRO C 158 -16.36 31.00 33.70
C PRO C 158 -15.07 31.79 33.95
N SER C 159 -14.04 31.18 34.54
CA SER C 159 -12.83 31.89 34.92
C SER C 159 -11.69 31.65 33.95
N ASP C 160 -10.94 32.72 33.66
CA ASP C 160 -9.67 32.63 32.95
C ASP C 160 -8.62 32.05 33.89
N VAL C 161 -8.20 30.81 33.63
CA VAL C 161 -7.25 30.06 34.46
C VAL C 161 -5.93 29.98 33.71
N PRO C 162 -4.91 30.77 34.07
CA PRO C 162 -3.72 30.89 33.21
C PRO C 162 -2.98 29.58 32.99
N GLU C 163 -2.93 28.69 34.01
CA GLU C 163 -2.25 27.42 33.79
C GLU C 163 -2.96 26.59 32.73
N LEU C 164 -4.29 26.71 32.66
CA LEU C 164 -5.05 26.08 31.61
C LEU C 164 -4.74 26.69 30.26
N HIS C 165 -4.69 28.02 30.19
CA HIS C 165 -4.37 28.70 28.94
C HIS C 165 -3.01 28.27 28.44
N GLN C 166 -2.03 28.13 29.34
CA GLN C 166 -0.68 27.77 28.93
C GLN C 166 -0.63 26.37 28.34
N ALA C 167 -1.39 25.42 28.91
CA ALA C 167 -1.36 24.06 28.41
C ALA C 167 -1.99 23.99 27.02
N VAL C 168 -3.12 24.67 26.86
CA VAL C 168 -3.79 24.74 25.57
C VAL C 168 -2.88 25.35 24.51
N LYS C 169 -2.20 26.44 24.86
CA LYS C 169 -1.23 27.04 23.93
C LYS C 169 -0.13 26.06 23.56
N ARG C 170 0.34 25.28 24.54
CA ARG C 170 1.36 24.29 24.24
C ARG C 170 0.84 23.23 23.27
N ALA C 171 -0.43 22.82 23.44
CA ALA C 171 -0.99 21.82 22.53
C ALA C 171 -1.02 22.35 21.10
N VAL C 172 -1.49 23.59 20.92
CA VAL C 172 -1.61 24.17 19.58
C VAL C 172 -0.22 24.42 18.97
N GLU C 173 0.74 24.83 19.80
CA GLU C 173 2.11 25.00 19.31
C GLU C 173 2.70 23.68 18.83
N ASN C 174 2.26 22.57 19.39
CA ASN C 174 2.65 21.24 18.96
C ASN C 174 1.74 20.68 17.87
N ASN C 175 0.97 21.55 17.20
CA ASN C 175 0.11 21.20 16.08
C ASN C 175 -1.00 20.24 16.46
N ILE C 176 -1.53 20.40 17.68
CA ILE C 176 -2.67 19.64 18.16
C ILE C 176 -3.89 20.57 18.15
N LEU C 177 -4.95 20.11 17.50
CA LEU C 177 -6.23 20.84 17.47
C LEU C 177 -6.94 20.69 18.81
N VAL C 178 -7.35 21.82 19.38
CA VAL C 178 -8.02 21.83 20.68
C VAL C 178 -9.46 22.35 20.49
N VAL C 179 -10.43 21.48 20.76
CA VAL C 179 -11.84 21.77 20.49
C VAL C 179 -12.59 21.86 21.82
N CYS C 180 -13.34 22.95 22.01
CA CYS C 180 -13.93 23.26 23.31
C CYS C 180 -15.37 23.74 23.14
N ALA C 181 -16.20 23.39 24.13
CA ALA C 181 -17.61 23.79 24.12
C ALA C 181 -17.76 25.23 24.62
N ALA C 182 -18.44 26.05 23.83
CA ALA C 182 -18.67 27.44 24.22
C ALA C 182 -19.86 27.58 25.17
N GLY C 183 -19.83 28.62 25.99
CA GLY C 183 -20.94 28.91 26.89
C GLY C 183 -20.98 27.98 28.10
N LEU C 195 -19.62 33.30 29.41
CA LEU C 195 -18.48 32.80 28.62
C LEU C 195 -17.87 31.61 29.33
N SER C 196 -17.26 30.73 28.55
CA SER C 196 -16.60 29.55 29.06
C SER C 196 -15.13 29.54 28.64
N TYR C 197 -14.27 29.21 29.57
CA TYR C 197 -12.89 28.89 29.23
C TYR C 197 -12.67 27.40 29.43
N PRO C 198 -11.86 26.74 28.58
CA PRO C 198 -10.94 27.29 27.58
C PRO C 198 -11.54 27.76 26.23
N ALA C 199 -12.84 27.60 26.02
CA ALA C 199 -13.43 27.93 24.72
C ALA C 199 -13.12 29.37 24.30
N ALA C 200 -13.11 30.30 25.28
CA ALA C 200 -12.92 31.71 24.98
C ALA C 200 -11.47 32.10 24.68
N TYR C 201 -10.51 31.20 24.83
CA TYR C 201 -9.15 31.52 24.42
C TYR C 201 -9.05 31.55 22.90
N ASN C 202 -8.20 32.45 22.38
CA ASN C 202 -8.04 32.63 20.94
C ASN C 202 -7.59 31.35 20.24
N GLU C 203 -6.75 30.57 20.92
CA GLU C 203 -6.09 29.44 20.26
C GLU C 203 -7.03 28.25 20.08
N VAL C 204 -8.12 28.23 20.77
CA VAL C 204 -9.04 27.11 20.85
C VAL C 204 -10.08 27.21 19.76
N ILE C 205 -10.51 26.07 19.22
CA ILE C 205 -11.63 26.02 18.31
C ILE C 205 -12.91 26.01 19.16
N SER C 206 -13.65 27.12 19.14
CA SER C 206 -14.82 27.27 20.02
C SER C 206 -16.10 26.88 19.28
N VAL C 207 -16.90 26.01 19.89
CA VAL C 207 -18.02 25.34 19.24
C VAL C 207 -19.33 25.75 19.90
N GLY C 208 -20.25 26.32 19.12
CA GLY C 208 -21.60 26.58 19.56
C GLY C 208 -22.55 25.51 19.05
N ALA C 209 -23.80 25.60 19.49
CA ALA C 209 -24.78 24.55 19.24
C ALA C 209 -25.92 25.09 18.39
N ILE C 210 -26.45 24.21 17.54
CA ILE C 210 -27.60 24.50 16.72
C ILE C 210 -28.65 23.43 16.96
N SER C 211 -29.92 23.79 16.81
CA SER C 211 -30.98 22.80 16.96
C SER C 211 -31.12 21.99 15.69
N LEU C 212 -31.88 20.88 15.78
CA LEU C 212 -32.16 20.09 14.59
C LEU C 212 -32.87 20.94 13.54
N ASP C 213 -33.70 21.87 13.95
CA ASP C 213 -34.42 22.75 13.05
C ASP C 213 -33.49 23.79 12.42
N GLY C 214 -32.31 23.92 12.95
CA GLY C 214 -31.36 24.84 12.37
C GLY C 214 -31.30 26.23 13.00
N GLN C 215 -31.70 26.38 14.26
CA GLN C 215 -31.83 27.70 14.85
C GLN C 215 -30.83 27.97 15.98
N GLU C 225 -17.33 34.14 21.39
CA GLU C 225 -16.45 34.14 20.23
C GLU C 225 -16.33 32.72 19.65
N ILE C 226 -17.33 32.37 18.87
CA ILE C 226 -17.59 31.05 18.29
C ILE C 226 -16.84 30.90 16.98
N ASP C 227 -16.24 29.72 16.73
CA ASP C 227 -15.70 29.45 15.40
C ASP C 227 -16.74 28.80 14.48
N VAL C 228 -17.47 27.81 14.98
CA VAL C 228 -18.41 27.03 14.19
C VAL C 228 -19.55 26.61 15.12
N VAL C 229 -20.68 26.21 14.51
CA VAL C 229 -21.75 25.56 15.24
C VAL C 229 -21.91 24.14 14.72
N ALA C 230 -22.50 23.30 15.56
CA ALA C 230 -22.73 21.90 15.21
C ALA C 230 -23.95 21.42 15.99
N PRO C 231 -24.56 20.29 15.57
CA PRO C 231 -25.78 19.80 16.23
C PRO C 231 -25.64 19.66 17.75
N GLY C 232 -26.62 20.19 18.47
CA GLY C 232 -26.59 20.13 19.92
C GLY C 232 -27.88 19.65 20.56
N GLU C 233 -28.93 19.44 19.77
CA GLU C 233 -30.25 19.12 20.31
C GLU C 233 -30.59 17.65 20.10
N LYS C 234 -31.02 17.00 21.18
CA LYS C 234 -31.49 15.61 21.13
C LYS C 234 -30.48 14.71 20.44
N ILE C 235 -29.24 14.78 20.93
CA ILE C 235 -28.14 14.01 20.35
C ILE C 235 -28.20 12.59 20.91
N LEU C 236 -28.35 11.60 20.03
CA LEU C 236 -28.37 10.20 20.43
C LEU C 236 -26.98 9.62 20.36
N SER C 237 -26.54 8.94 21.42
CA SER C 237 -25.19 8.36 21.43
C SER C 237 -25.12 7.27 22.50
N THR C 238 -23.92 6.73 22.68
CA THR C 238 -23.66 5.59 23.56
C THR C 238 -23.60 6.01 25.03
N ILE C 239 -24.02 5.12 25.93
CA ILE C 239 -23.82 5.30 27.37
C ILE C 239 -23.39 3.99 27.99
N PRO C 240 -22.83 4.03 29.21
CA PRO C 240 -22.34 2.81 29.85
C PRO C 240 -23.39 1.72 29.94
N GLY C 241 -22.93 0.47 29.92
CA GLY C 241 -23.82 -0.68 29.93
C GLY C 241 -24.23 -1.18 28.57
N GLY C 242 -23.59 -0.72 27.50
CA GLY C 242 -24.03 -1.09 26.16
C GLY C 242 -25.35 -0.50 25.75
N LYS C 243 -25.75 0.61 26.35
CA LYS C 243 -27.02 1.25 26.07
C LYS C 243 -26.80 2.55 25.31
N PHE C 244 -27.89 3.29 25.11
CA PHE C 244 -27.90 4.50 24.31
C PHE C 244 -28.80 5.53 24.98
N ALA C 245 -28.55 6.81 24.68
CA ALA C 245 -29.26 7.86 25.39
C ALA C 245 -29.27 9.15 24.58
N VAL C 246 -30.23 10.00 24.89
CA VAL C 246 -30.46 11.25 24.18
C VAL C 246 -30.24 12.39 25.16
N PHE C 247 -29.43 13.37 24.74
CA PHE C 247 -29.15 14.53 25.58
C PHE C 247 -29.00 15.75 24.68
N SER C 248 -29.28 16.93 25.23
CA SER C 248 -29.13 18.19 24.51
C SER C 248 -28.22 19.13 25.29
N GLY C 249 -27.48 19.95 24.56
CA GLY C 249 -26.69 21.00 25.15
C GLY C 249 -25.50 21.32 24.28
N THR C 250 -24.85 22.45 24.61
CA THR C 250 -23.71 22.91 23.84
C THR C 250 -22.53 21.94 23.95
N SER C 251 -22.45 21.20 25.07
CA SER C 251 -21.38 20.21 25.22
C SER C 251 -21.53 19.07 24.22
N MET C 252 -22.70 18.90 23.60
CA MET C 252 -22.91 17.88 22.59
C MET C 252 -22.47 18.32 21.19
N ALA C 253 -22.40 19.62 20.92
CA ALA C 253 -21.95 20.08 19.60
C ALA C 253 -20.45 19.80 19.41
N THR C 254 -19.66 20.00 20.46
CA THR C 254 -18.21 19.81 20.39
C THR C 254 -17.78 18.46 19.82
N PRO C 255 -18.29 17.31 20.27
CA PRO C 255 -17.81 16.02 19.72
C PRO C 255 -18.04 15.88 18.24
N HIS C 256 -19.09 16.50 17.68
CA HIS C 256 -19.25 16.45 16.23
C HIS C 256 -18.07 17.13 15.55
N VAL C 257 -17.60 18.25 16.09
CA VAL C 257 -16.52 19.00 15.47
C VAL C 257 -15.21 18.25 15.58
N SER C 258 -14.94 17.67 16.76
CA SER C 258 -13.74 16.87 16.94
C SER C 258 -13.72 15.68 15.99
N GLY C 259 -14.84 14.94 15.92
CA GLY C 259 -14.94 13.89 14.92
C GLY C 259 -14.74 14.40 13.50
N ALA C 260 -15.37 15.53 13.19
CA ALA C 260 -15.20 16.12 11.86
C ALA C 260 -13.75 16.41 11.55
N LEU C 261 -13.03 16.98 12.53
CA LEU C 261 -11.63 17.31 12.30
C LEU C 261 -10.80 16.05 12.04
N ALA C 262 -11.19 14.92 12.64
CA ALA C 262 -10.52 13.66 12.34
C ALA C 262 -10.73 13.26 10.89
N LEU C 263 -11.97 13.35 10.39
CA LEU C 263 -12.19 13.10 8.96
C LEU C 263 -11.37 14.06 8.12
N ILE C 264 -11.33 15.33 8.53
CA ILE C 264 -10.66 16.37 7.75
C ILE C 264 -9.16 16.12 7.70
N LYS C 265 -8.55 15.73 8.82
CA LYS C 265 -7.10 15.57 8.82
C LYS C 265 -6.67 14.42 7.93
N GLN C 266 -7.43 13.31 7.97
CA GLN C 266 -7.16 12.18 7.06
C GLN C 266 -7.37 12.58 5.61
N LEU C 267 -8.49 13.24 5.32
CA LEU C 267 -8.77 13.68 3.95
C LEU C 267 -7.68 14.62 3.43
N SER C 268 -7.38 15.66 4.19
CA SER C 268 -6.55 16.71 3.63
C SER C 268 -5.08 16.31 3.56
N GLU C 269 -4.61 15.47 4.48
CA GLU C 269 -3.23 15.03 4.35
C GLU C 269 -3.09 14.04 3.19
N LYS C 270 -4.17 13.36 2.84
CA LYS C 270 -4.20 12.54 1.67
C LYS C 270 -4.19 13.42 0.41
N GLU C 271 -5.08 14.39 0.30
CA GLU C 271 -5.20 15.18 -0.92
C GLU C 271 -4.03 16.16 -1.09
N PHE C 272 -3.52 16.73 0.01
CA PHE C 272 -2.36 17.60 -0.08
C PHE C 272 -1.04 16.83 -0.15
N GLU C 273 -1.05 15.52 0.13
CA GLU C 273 0.14 14.67 0.03
C GLU C 273 1.24 15.10 1.00
N ARG C 274 0.86 15.53 2.20
CA ARG C 274 1.81 15.92 3.23
C ARG C 274 1.05 16.14 4.53
N ASN C 275 1.77 16.07 5.66
CA ASN C 275 1.20 16.44 6.95
C ASN C 275 0.94 17.94 6.98
N LEU C 276 -0.24 18.32 7.44
CA LEU C 276 -0.60 19.72 7.53
C LEU C 276 -0.43 20.21 8.97
N THR C 277 -0.09 21.49 9.10
CA THR C 277 0.00 22.12 10.39
C THR C 277 -1.39 22.41 10.94
N GLU C 278 -1.44 22.67 12.25
CA GLU C 278 -2.72 22.95 12.90
C GLU C 278 -3.44 24.17 12.32
N PRO C 279 -2.77 25.29 11.97
CA PRO C 279 -3.52 26.38 11.33
C PRO C 279 -4.08 26.02 9.98
N GLU C 280 -3.39 25.21 9.19
CA GLU C 280 -3.96 24.73 7.93
C GLU C 280 -5.17 23.83 8.19
N LEU C 281 -5.09 22.95 9.20
CA LEU C 281 -6.21 22.04 9.47
C LEU C 281 -7.41 22.83 10.00
N TYR C 282 -7.14 23.89 10.78
CA TYR C 282 -8.22 24.78 11.18
C TYR C 282 -8.87 25.42 9.95
N ALA C 283 -8.06 25.91 9.00
CA ALA C 283 -8.60 26.46 7.77
C ALA C 283 -9.44 25.44 7.01
N GLN C 284 -9.01 24.17 7.01
CA GLN C 284 -9.79 23.12 6.34
C GLN C 284 -11.16 22.95 6.97
N LEU C 285 -11.27 23.18 8.29
CA LEU C 285 -12.58 23.13 8.94
C LEU C 285 -13.46 24.29 8.51
N ILE C 286 -12.88 25.50 8.48
CA ILE C 286 -13.66 26.68 8.15
C ILE C 286 -14.09 26.64 6.68
N LYS C 287 -13.25 26.08 5.81
CA LYS C 287 -13.66 25.84 4.42
C LYS C 287 -14.90 24.95 4.37
N ARG C 288 -15.01 24.02 5.29
CA ARG C 288 -16.14 23.09 5.30
C ARG C 288 -17.20 23.54 6.30
N THR C 289 -17.66 24.78 6.12
CA THR C 289 -18.79 25.30 6.89
C THR C 289 -19.82 25.91 5.97
N MET C 290 -21.06 25.89 6.44
CA MET C 290 -22.23 26.38 5.71
C MET C 290 -22.80 27.59 6.43
N PRO C 291 -22.78 28.78 5.84
CA PRO C 291 -23.39 29.93 6.52
C PRO C 291 -24.90 29.72 6.62
N LEU C 292 -25.47 30.18 7.72
CA LEU C 292 -26.87 29.97 8.01
C LEU C 292 -27.70 31.25 8.02
N GLY C 293 -27.10 32.39 7.67
CA GLY C 293 -27.84 33.64 7.63
C GLY C 293 -27.95 34.36 8.95
N PHE C 294 -27.40 33.81 10.01
CA PHE C 294 -27.38 34.50 11.29
C PHE C 294 -26.15 35.40 11.36
N PRO C 295 -26.14 36.37 12.27
CA PRO C 295 -24.91 37.16 12.46
C PRO C 295 -23.74 36.26 12.82
N LYS C 296 -22.55 36.64 12.31
CA LYS C 296 -21.35 35.89 12.66
C LYS C 296 -21.11 35.87 14.16
N ALA C 297 -21.63 36.86 14.89
CA ALA C 297 -21.52 36.86 16.35
C ALA C 297 -22.28 35.72 17.00
N LEU C 298 -23.27 35.15 16.31
CA LEU C 298 -24.00 34.00 16.80
C LEU C 298 -23.54 32.68 16.20
N GLU C 299 -23.29 32.63 14.89
CA GLU C 299 -22.99 31.36 14.23
C GLU C 299 -21.51 31.18 13.92
N GLY C 300 -20.67 32.16 14.24
CA GLY C 300 -19.28 32.09 13.82
C GLY C 300 -19.22 31.95 12.31
N ASN C 301 -18.51 30.92 11.84
CA ASN C 301 -18.39 30.65 10.41
C ASN C 301 -19.54 29.82 9.86
N GLY C 302 -20.43 29.35 10.73
CA GLY C 302 -21.57 28.56 10.29
C GLY C 302 -21.49 27.12 10.76
N LEU C 303 -22.40 26.32 10.21
CA LEU C 303 -22.54 24.92 10.60
C LEU C 303 -21.48 24.08 9.90
N VAL C 304 -20.82 23.19 10.66
CA VAL C 304 -19.86 22.27 10.07
C VAL C 304 -20.58 21.48 8.99
N TYR C 305 -20.07 21.57 7.75
CA TYR C 305 -20.76 21.00 6.59
C TYR C 305 -19.68 20.42 5.69
N LEU C 306 -19.44 19.13 5.81
CA LEU C 306 -18.17 18.58 5.33
C LEU C 306 -18.05 18.56 3.81
N THR C 307 -19.16 18.69 3.09
CA THR C 307 -19.15 18.61 1.63
C THR C 307 -19.10 19.97 0.95
N ALA C 308 -19.02 21.06 1.71
CA ALA C 308 -19.10 22.40 1.14
C ALA C 308 -18.16 22.63 -0.05
N PRO C 309 -16.85 22.35 0.02
CA PRO C 309 -16.03 22.61 -1.16
C PRO C 309 -16.42 21.77 -2.35
N ASN C 310 -16.98 20.57 -2.12
CA ASN C 310 -17.46 19.72 -3.21
C ASN C 310 -18.61 20.38 -3.95
N LEU C 311 -19.56 20.96 -3.21
CA LEU C 311 -20.67 21.63 -3.87
C LEU C 311 -20.21 22.85 -4.66
N LEU C 312 -19.14 23.51 -4.20
CA LEU C 312 -18.65 24.71 -4.87
C LEU C 312 -18.15 24.39 -6.28
N SER C 313 -17.33 23.35 -6.43
CA SER C 313 -16.80 22.93 -7.73
C SER C 313 -17.91 22.79 -8.79
N THR D 4 25.92 -9.28 35.60
CA THR D 4 24.60 -9.50 35.03
C THR D 4 24.24 -8.40 34.04
N ILE D 5 23.74 -8.82 32.88
CA ILE D 5 23.36 -7.93 31.79
C ILE D 5 21.84 -7.86 31.74
N ARG D 6 21.30 -6.68 31.41
CA ARG D 6 19.86 -6.44 31.46
C ARG D 6 19.39 -5.76 30.19
N LEU D 7 18.13 -6.00 29.86
CA LEU D 7 17.44 -5.40 28.73
C LEU D 7 17.29 -3.91 29.02
N ILE D 8 17.55 -3.03 28.03
CA ILE D 8 17.37 -1.60 28.28
C ILE D 8 15.86 -1.40 28.42
N PRO D 9 15.39 -0.71 29.46
CA PRO D 9 13.94 -0.65 29.70
C PRO D 9 13.15 -0.04 28.56
N PHE D 10 11.94 -0.54 28.36
CA PHE D 10 11.05 0.01 27.34
C PHE D 10 9.64 -0.01 27.90
N LYS D 11 8.76 0.84 27.34
CA LYS D 11 7.37 0.93 27.80
C LYS D 11 6.44 0.42 26.72
N ILE D 12 5.43 -0.34 27.13
CA ILE D 12 4.44 -0.88 26.22
C ILE D 12 3.29 0.11 26.13
N GLU D 13 3.06 0.67 24.94
CA GLU D 13 2.03 1.68 24.73
C GLU D 13 0.66 1.06 24.44
N GLU D 14 0.58 0.20 23.44
CA GLU D 14 -0.70 -0.43 23.11
C GLU D 14 -0.46 -1.77 22.44
N LYS D 15 -1.47 -2.63 22.49
CA LYS D 15 -1.41 -3.96 21.92
C LYS D 15 -2.52 -4.12 20.90
N LEU D 16 -2.20 -4.73 19.75
CA LEU D 16 -3.11 -4.79 18.62
C LEU D 16 -3.19 -6.22 18.07
N GLU D 17 -4.40 -6.66 17.74
CA GLU D 17 -4.58 -7.99 17.18
C GLU D 17 -4.08 -8.04 15.74
N SER D 18 -4.39 -7.00 14.97
CA SER D 18 -4.03 -6.97 13.56
C SER D 18 -3.74 -5.54 13.16
N VAL D 19 -2.86 -5.38 12.18
CA VAL D 19 -2.45 -4.09 11.68
C VAL D 19 -2.04 -4.27 10.23
N LYS D 20 -1.99 -3.17 9.49
CA LYS D 20 -1.54 -3.20 8.10
C LYS D 20 -0.99 -1.81 7.80
N GLU D 21 0.32 -1.66 7.93
CA GLU D 21 0.96 -0.40 7.59
C GLU D 21 2.47 -0.57 7.60
N ILE D 22 3.14 0.42 7.05
CA ILE D 22 4.58 0.59 7.19
C ILE D 22 4.83 1.49 8.40
N PRO D 23 5.45 0.98 9.47
CA PRO D 23 5.63 1.79 10.69
C PRO D 23 6.38 3.07 10.41
N GLU D 24 6.06 4.11 11.19
CA GLU D 24 6.57 5.45 10.89
C GLU D 24 8.07 5.55 11.09
N GLY D 25 8.63 4.82 12.05
CA GLY D 25 10.08 4.81 12.20
C GLY D 25 10.80 4.31 10.95
N VAL D 26 10.24 3.29 10.30
CA VAL D 26 10.80 2.78 9.05
C VAL D 26 10.80 3.88 8.00
N ASN D 27 9.67 4.60 7.89
CA ASN D 27 9.58 5.73 6.98
C ASN D 27 10.61 6.82 7.30
N MET D 28 10.79 7.10 8.60
CA MET D 28 11.59 8.27 8.99
C MET D 28 13.03 8.13 8.56
N VAL D 29 13.58 6.92 8.60
CA VAL D 29 14.97 6.73 8.14
C VAL D 29 15.08 6.61 6.63
N GLN D 30 13.97 6.72 5.90
CA GLN D 30 13.94 6.72 4.42
C GLN D 30 14.15 5.33 3.81
N ALA D 31 13.85 4.26 4.56
CA ALA D 31 13.90 2.92 3.99
C ALA D 31 13.09 2.75 2.71
N PRO D 32 11.83 3.20 2.62
CA PRO D 32 11.10 3.01 1.35
C PRO D 32 11.78 3.63 0.14
N GLU D 33 12.48 4.76 0.32
CA GLU D 33 13.23 5.36 -0.78
C GLU D 33 14.36 4.46 -1.27
N ILE D 34 14.91 3.62 -0.39
CA ILE D 34 15.94 2.68 -0.79
C ILE D 34 15.32 1.44 -1.44
N TRP D 35 14.17 0.98 -0.91
CA TRP D 35 13.48 -0.14 -1.54
C TRP D 35 13.14 0.17 -2.98
N LYS D 36 12.82 1.44 -3.26
CA LYS D 36 12.49 1.80 -4.63
C LYS D 36 13.58 1.43 -5.60
N GLU D 37 14.83 1.46 -5.15
CA GLU D 37 15.96 1.12 -5.98
C GLU D 37 16.26 -0.37 -6.00
N GLY D 38 15.39 -1.19 -5.41
CA GLY D 38 15.59 -2.63 -5.41
C GLY D 38 16.48 -3.16 -4.32
N ILE D 39 16.75 -2.36 -3.28
CA ILE D 39 17.61 -2.72 -2.16
C ILE D 39 16.70 -2.95 -0.95
N ARG D 40 16.54 -4.23 -0.54
CA ARG D 40 15.71 -4.58 0.60
C ARG D 40 16.44 -5.45 1.61
N GLY D 41 17.75 -5.63 1.47
CA GLY D 41 18.52 -6.42 2.41
C GLY D 41 18.77 -7.86 2.01
N LYS D 42 18.47 -8.24 0.77
CA LYS D 42 18.62 -9.64 0.36
C LYS D 42 20.04 -10.14 0.61
N ASP D 43 20.15 -11.35 1.16
CA ASP D 43 21.37 -12.06 1.49
C ASP D 43 22.15 -11.45 2.64
N ILE D 44 21.59 -10.49 3.37
CA ILE D 44 22.23 -9.99 4.58
C ILE D 44 21.65 -10.76 5.77
N VAL D 45 22.53 -11.13 6.72
CA VAL D 45 22.14 -11.82 7.94
C VAL D 45 22.43 -10.93 9.13
N ILE D 46 21.43 -10.73 9.99
CA ILE D 46 21.58 -9.97 11.23
C ILE D 46 21.37 -10.93 12.40
N ALA D 47 22.38 -11.04 13.28
CA ALA D 47 22.19 -11.77 14.52
C ALA D 47 21.51 -10.87 15.55
N VAL D 48 20.35 -11.30 16.03
CA VAL D 48 19.55 -10.57 17.01
C VAL D 48 19.74 -11.22 18.37
N ILE D 49 20.49 -10.53 19.24
CA ILE D 49 20.93 -11.06 20.53
C ILE D 49 20.06 -10.41 21.59
N ASP D 50 19.06 -11.14 22.07
CA ASP D 50 17.93 -10.53 22.76
C ASP D 50 17.12 -11.58 23.54
N THR D 51 15.79 -11.45 23.60
CA THR D 51 14.97 -12.37 24.38
C THR D 51 14.49 -13.57 23.57
N GLY D 52 15.00 -13.79 22.38
CA GLY D 52 14.43 -14.80 21.50
C GLY D 52 13.43 -14.19 20.55
N CYS D 53 12.63 -15.05 19.92
CA CYS D 53 11.69 -14.53 18.95
C CYS D 53 10.61 -15.58 18.72
N ASP D 54 9.42 -15.10 18.40
CA ASP D 54 8.33 -15.99 18.02
C ASP D 54 8.58 -16.42 16.58
N ARG D 55 9.11 -17.63 16.40
CA ARG D 55 9.49 -18.04 15.05
C ARG D 55 8.29 -18.34 14.18
N ASP D 56 7.08 -18.31 14.72
CA ASP D 56 5.87 -18.61 13.96
C ASP D 56 5.09 -17.37 13.56
N HIS D 57 5.55 -16.18 13.94
CA HIS D 57 4.86 -14.97 13.51
C HIS D 57 4.89 -14.88 11.99
N PRO D 58 3.75 -14.68 11.32
CA PRO D 58 3.74 -14.68 9.85
C PRO D 58 4.63 -13.62 9.23
N ASP D 59 4.89 -12.52 9.93
CA ASP D 59 5.78 -11.47 9.46
C ASP D 59 7.26 -11.81 9.62
N LEU D 60 7.58 -12.87 10.35
CA LEU D 60 8.98 -13.19 10.65
C LEU D 60 9.41 -14.58 10.19
N LYS D 61 8.48 -15.50 9.97
CA LYS D 61 8.88 -16.90 9.77
C LYS D 61 9.68 -17.11 8.49
N ASP D 62 9.47 -16.28 7.46
CA ASP D 62 10.29 -16.39 6.26
C ASP D 62 11.64 -15.67 6.39
N ARG D 63 11.88 -14.95 7.47
CA ARG D 63 13.13 -14.22 7.63
C ARG D 63 14.14 -14.91 8.55
N ILE D 64 13.72 -15.89 9.34
CA ILE D 64 14.57 -16.47 10.35
C ILE D 64 15.32 -17.65 9.76
N ILE D 65 16.67 -17.57 9.74
CA ILE D 65 17.45 -18.71 9.27
C ILE D 65 17.63 -19.75 10.34
N GLY D 66 17.51 -19.37 11.59
CA GLY D 66 17.67 -20.30 12.69
C GLY D 66 17.86 -19.50 13.97
N GLY D 67 18.11 -20.24 15.04
CA GLY D 67 18.29 -19.60 16.32
C GLY D 67 18.88 -20.58 17.30
N ARG D 68 19.25 -20.06 18.45
CA ARG D 68 19.81 -20.82 19.58
C ARG D 68 19.50 -20.14 20.87
N ASN D 69 19.29 -20.93 21.90
CA ASN D 69 19.01 -20.44 23.24
C ASN D 69 20.23 -20.65 24.12
N PHE D 70 20.72 -19.57 24.73
CA PHE D 70 21.87 -19.62 25.63
C PHE D 70 21.47 -19.50 27.11
N THR D 71 20.18 -19.37 27.40
CA THR D 71 19.69 -19.13 28.75
C THR D 71 19.33 -20.43 29.44
N THR D 72 18.90 -20.31 30.71
CA THR D 72 18.35 -21.43 31.45
C THR D 72 16.89 -21.72 31.12
N ASP D 73 16.22 -20.86 30.35
CA ASP D 73 14.83 -21.07 29.98
C ASP D 73 14.65 -22.41 29.27
N ASP D 74 13.51 -23.06 29.53
CA ASP D 74 13.21 -24.35 28.94
C ASP D 74 14.31 -25.36 29.24
N ASN D 75 14.81 -25.31 30.48
CA ASN D 75 15.88 -26.19 30.98
C ASN D 75 17.09 -26.22 30.05
N GLY D 76 17.44 -25.06 29.49
CA GLY D 76 18.64 -24.95 28.69
C GLY D 76 18.59 -25.57 27.32
N ASP D 77 17.40 -25.94 26.84
CA ASP D 77 17.20 -26.47 25.50
C ASP D 77 17.71 -25.48 24.45
N VAL D 78 18.81 -25.83 23.77
CA VAL D 78 19.49 -24.88 22.89
C VAL D 78 18.72 -24.63 21.59
N ASP D 79 17.77 -25.47 21.23
CA ASP D 79 16.99 -25.25 20.02
C ASP D 79 15.68 -24.51 20.28
N ASN D 80 15.43 -24.08 21.51
CA ASN D 80 14.18 -23.42 21.87
C ASN D 80 14.48 -21.96 22.18
N TYR D 81 14.29 -21.09 21.19
CA TYR D 81 14.50 -19.66 21.38
C TYR D 81 13.18 -18.89 21.41
N SER D 82 12.14 -19.51 21.96
CA SER D 82 10.86 -18.84 22.20
C SER D 82 11.06 -17.52 22.93
N ASP D 83 10.21 -16.55 22.59
CA ASP D 83 10.25 -15.23 23.20
C ASP D 83 9.10 -15.13 24.20
N TYR D 84 9.42 -15.21 25.49
CA TYR D 84 8.43 -15.02 26.54
C TYR D 84 8.33 -13.57 27.01
N ASN D 85 9.16 -12.69 26.46
CA ASN D 85 9.15 -11.28 26.84
C ASN D 85 8.33 -10.42 25.89
N GLY D 86 8.65 -10.47 24.61
CA GLY D 86 8.06 -9.63 23.59
C GLY D 86 9.06 -8.72 22.91
N HIS D 87 10.09 -8.30 23.64
CA HIS D 87 11.05 -7.34 23.08
C HIS D 87 11.78 -7.92 21.88
N GLY D 88 12.22 -9.18 21.96
CA GLY D 88 12.98 -9.78 20.87
C GLY D 88 12.18 -9.92 19.59
N THR D 89 10.88 -10.26 19.71
CA THR D 89 10.03 -10.35 18.54
C THR D 89 9.76 -8.95 17.97
N HIS D 90 9.60 -7.96 18.84
CA HIS D 90 9.40 -6.60 18.38
C HIS D 90 10.60 -6.11 17.59
N VAL D 91 11.80 -6.29 18.15
CA VAL D 91 13.03 -5.87 17.51
C VAL D 91 13.20 -6.56 16.16
N ALA D 92 12.93 -7.86 16.10
CA ALA D 92 13.03 -8.59 14.83
C ALA D 92 12.14 -7.96 13.76
N GLY D 93 10.91 -7.60 14.13
CA GLY D 93 10.01 -7.04 13.14
C GLY D 93 10.44 -5.67 12.64
N THR D 94 11.03 -4.85 13.51
CA THR D 94 11.54 -3.57 13.03
C THR D 94 12.69 -3.77 12.06
N ILE D 95 13.56 -4.75 12.35
CA ILE D 95 14.69 -5.00 11.45
C ILE D 95 14.21 -5.50 10.10
N ALA D 96 13.27 -6.45 10.10
CA ALA D 96 13.05 -7.19 8.85
C ALA D 96 11.68 -7.84 8.67
N ALA D 97 10.61 -7.30 9.26
CA ALA D 97 9.28 -7.86 8.96
C ALA D 97 9.05 -7.92 7.45
N THR D 98 8.47 -9.03 7.00
CA THR D 98 8.38 -9.33 5.57
C THR D 98 7.33 -8.48 4.87
N GLU D 99 7.62 -8.08 3.64
CA GLU D 99 6.58 -7.46 2.80
C GLU D 99 5.71 -8.57 2.24
N ASN D 100 4.53 -8.74 2.84
CA ASN D 100 3.62 -9.81 2.45
C ASN D 100 2.18 -9.32 2.45
N ASP D 101 1.99 -8.02 2.27
CA ASP D 101 0.66 -7.41 2.22
C ASP D 101 -0.14 -7.62 3.51
N GLN D 102 0.54 -7.85 4.64
CA GLN D 102 -0.14 -7.93 5.93
C GLN D 102 0.81 -7.46 7.03
N GLY D 103 0.22 -7.01 8.14
CA GLY D 103 1.03 -6.68 9.30
C GLY D 103 1.92 -5.49 9.04
N VAL D 104 3.19 -5.61 9.45
CA VAL D 104 4.14 -4.52 9.30
C VAL D 104 5.21 -4.90 8.28
N VAL D 105 6.14 -3.96 8.03
CA VAL D 105 7.30 -4.16 7.18
C VAL D 105 8.51 -3.60 7.90
N GLY D 106 9.59 -4.37 7.95
CA GLY D 106 10.81 -3.90 8.59
C GLY D 106 11.68 -3.07 7.66
N VAL D 107 12.70 -2.46 8.26
CA VAL D 107 13.64 -1.64 7.51
C VAL D 107 14.25 -2.41 6.35
N ALA D 108 14.52 -3.70 6.54
CA ALA D 108 15.19 -4.53 5.54
C ALA D 108 14.39 -5.80 5.33
N PRO D 109 13.26 -5.70 4.63
CA PRO D 109 12.28 -6.80 4.64
C PRO D 109 12.73 -8.04 3.90
N GLU D 110 13.86 -8.00 3.20
CA GLU D 110 14.40 -9.19 2.56
C GLU D 110 15.64 -9.72 3.26
N ALA D 111 16.07 -9.08 4.34
CA ALA D 111 17.19 -9.59 5.11
C ALA D 111 16.76 -10.81 5.93
N LYS D 112 17.74 -11.49 6.50
CA LYS D 112 17.51 -12.68 7.28
C LYS D 112 18.04 -12.51 8.69
N LEU D 113 17.43 -13.24 9.63
CA LEU D 113 17.69 -13.09 11.06
C LEU D 113 18.21 -14.39 11.67
N LEU D 114 19.19 -14.26 12.53
CA LEU D 114 19.66 -15.34 13.40
C LEU D 114 19.30 -14.98 14.83
N ILE D 115 18.44 -15.77 15.44
CA ILE D 115 17.82 -15.40 16.71
C ILE D 115 18.61 -16.04 17.85
N LEU D 116 19.34 -15.23 18.60
CA LEU D 116 20.20 -15.70 19.68
C LEU D 116 19.63 -15.21 21.02
N LYS D 117 18.97 -16.10 21.74
CA LYS D 117 18.29 -15.76 22.99
C LYS D 117 19.29 -15.78 24.12
N VAL D 118 19.56 -14.62 24.72
CA VAL D 118 20.50 -14.51 25.83
C VAL D 118 19.87 -13.91 27.07
N LEU D 119 18.58 -13.56 27.03
CA LEU D 119 17.91 -12.87 28.12
C LEU D 119 16.66 -13.61 28.56
N ALA D 120 16.54 -13.84 29.87
CA ALA D 120 15.37 -14.46 30.46
C ALA D 120 14.59 -13.42 31.24
N ASN D 121 13.26 -13.50 31.16
CA ASN D 121 12.39 -12.52 31.82
C ASN D 121 12.81 -12.32 33.27
N ASP D 122 12.87 -11.06 33.69
CA ASP D 122 13.07 -10.73 35.09
C ASP D 122 11.75 -10.90 35.83
N PRO D 123 11.64 -11.84 36.78
CA PRO D 123 10.33 -12.02 37.44
C PRO D 123 9.95 -10.85 38.33
N ASN D 124 10.92 -10.06 38.80
CA ASN D 124 10.65 -8.94 39.69
C ASN D 124 10.43 -7.63 38.96
N ASN D 125 10.55 -7.61 37.64
CA ASN D 125 10.50 -6.35 36.89
C ASN D 125 9.79 -6.59 35.56
N PRO D 126 8.48 -6.33 35.50
CA PRO D 126 7.72 -6.64 34.29
C PRO D 126 8.31 -5.97 33.07
N GLY D 127 8.33 -6.72 31.97
CA GLY D 127 8.91 -6.25 30.73
C GLY D 127 10.42 -6.35 30.65
N SER D 128 11.12 -6.52 31.77
CA SER D 128 12.57 -6.58 31.70
C SER D 128 13.03 -8.02 31.55
N ALA D 129 14.32 -8.19 31.26
CA ALA D 129 14.92 -9.50 31.11
C ALA D 129 16.40 -9.38 31.40
N THR D 130 17.00 -10.48 31.86
CA THR D 130 18.38 -10.47 32.32
C THR D 130 19.13 -11.67 31.76
N GLY D 131 20.45 -11.58 31.81
CA GLY D 131 21.26 -12.69 31.37
C GLY D 131 22.66 -12.55 31.91
N LYS D 132 23.38 -13.66 31.88
CA LYS D 132 24.75 -13.69 32.34
C LYS D 132 25.68 -13.16 31.25
N TYR D 133 26.76 -12.51 31.68
CA TYR D 133 27.79 -12.08 30.72
C TYR D 133 28.22 -13.24 29.84
N GLU D 134 28.45 -14.40 30.45
CA GLU D 134 28.87 -15.58 29.69
C GLU D 134 27.91 -15.90 28.56
N TRP D 135 26.61 -15.63 28.74
CA TRP D 135 25.64 -15.94 27.70
C TRP D 135 25.78 -14.99 26.52
N ILE D 136 25.93 -13.70 26.80
CA ILE D 136 26.13 -12.71 25.73
C ILE D 136 27.43 -12.99 24.99
N VAL D 137 28.48 -13.36 25.72
CA VAL D 137 29.77 -13.64 25.11
C VAL D 137 29.66 -14.83 24.15
N ASN D 138 29.03 -15.92 24.61
CA ASN D 138 28.84 -17.10 23.77
C ASN D 138 28.01 -16.78 22.54
N ALA D 139 26.98 -15.94 22.69
CA ALA D 139 26.14 -15.58 21.56
C ALA D 139 26.92 -14.80 20.51
N ILE D 140 27.72 -13.82 20.95
CA ILE D 140 28.49 -13.02 20.01
C ILE D 140 29.47 -13.91 19.25
N ASN D 141 30.17 -14.79 19.97
CA ASN D 141 31.13 -15.67 19.32
C ASN D 141 30.43 -16.66 18.39
N TYR D 142 29.23 -17.11 18.78
CA TYR D 142 28.47 -17.96 17.87
C TYR D 142 28.11 -17.20 16.60
N ALA D 143 27.70 -15.94 16.75
CA ALA D 143 27.32 -15.12 15.59
C ALA D 143 28.51 -14.93 14.66
N ILE D 144 29.71 -14.73 15.23
CA ILE D 144 30.90 -14.57 14.40
C ILE D 144 31.20 -15.85 13.63
N ASP D 145 31.09 -17.01 14.28
CA ASP D 145 31.23 -18.28 13.58
C ASP D 145 30.26 -18.41 12.41
N GLN D 146 29.04 -17.87 12.57
CA GLN D 146 28.04 -17.97 11.49
C GLN D 146 28.33 -17.00 10.36
N LYS D 147 29.34 -16.14 10.52
CA LYS D 147 29.66 -15.13 9.53
C LYS D 147 28.45 -14.25 9.22
N VAL D 148 27.70 -13.87 10.26
CA VAL D 148 26.63 -12.91 10.03
C VAL D 148 27.26 -11.58 9.61
N ASP D 149 26.44 -10.66 9.11
CA ASP D 149 26.94 -9.36 8.68
C ASP D 149 26.87 -8.32 9.80
N ILE D 150 25.83 -8.41 10.63
CA ILE D 150 25.51 -7.43 11.67
C ILE D 150 25.06 -8.17 12.91
N ILE D 151 25.53 -7.71 14.08
CA ILE D 151 25.05 -8.19 15.37
C ILE D 151 24.30 -7.05 16.05
N SER D 152 23.08 -7.31 16.49
CA SER D 152 22.22 -6.28 17.06
C SER D 152 21.87 -6.62 18.50
N MET D 153 22.10 -5.68 19.42
CA MET D 153 21.79 -5.87 20.84
C MET D 153 21.09 -4.64 21.40
N SER D 154 20.27 -4.85 22.42
CA SER D 154 19.65 -3.74 23.18
C SER D 154 19.77 -3.99 24.67
N LEU D 155 21.00 -4.20 25.15
CA LEU D 155 21.22 -4.64 26.52
C LEU D 155 22.47 -3.96 27.07
N GLY D 156 22.68 -4.12 28.38
CA GLY D 156 23.87 -3.56 29.00
C GLY D 156 24.19 -4.11 30.38
N GLY D 157 25.47 -4.10 30.74
CA GLY D 157 25.91 -4.42 32.09
C GLY D 157 26.89 -3.36 32.58
N PRO D 158 27.09 -3.25 33.90
CA PRO D 158 27.95 -2.18 34.42
C PRO D 158 29.44 -2.45 34.32
N SER D 159 29.87 -3.67 34.10
CA SER D 159 31.26 -4.06 34.27
C SER D 159 31.96 -4.24 32.92
N ASP D 160 33.22 -3.83 32.85
CA ASP D 160 34.09 -4.03 31.70
C ASP D 160 34.73 -5.40 31.87
N VAL D 161 34.18 -6.41 31.21
CA VAL D 161 34.65 -7.78 31.33
C VAL D 161 35.46 -8.10 30.08
N PRO D 162 36.75 -8.45 30.19
CA PRO D 162 37.60 -8.57 29.00
C PRO D 162 37.09 -9.57 27.97
N GLU D 163 36.50 -10.68 28.40
CA GLU D 163 36.00 -11.65 27.43
C GLU D 163 34.85 -11.08 26.60
N LEU D 164 34.09 -10.12 27.15
CA LEU D 164 33.08 -9.42 26.35
C LEU D 164 33.73 -8.44 25.39
N HIS D 165 34.67 -7.63 25.87
CA HIS D 165 35.41 -6.75 24.96
C HIS D 165 36.14 -7.55 23.88
N GLN D 166 36.70 -8.71 24.23
CA GLN D 166 37.38 -9.52 23.22
C GLN D 166 36.39 -10.00 22.16
N ALA D 167 35.17 -10.35 22.57
CA ALA D 167 34.19 -10.81 21.59
C ALA D 167 33.83 -9.71 20.60
N VAL D 168 33.67 -8.47 21.08
CA VAL D 168 33.28 -7.43 20.13
C VAL D 168 34.47 -7.05 19.25
N LYS D 169 35.70 -7.16 19.77
CA LYS D 169 36.88 -6.94 18.94
C LYS D 169 36.98 -7.97 17.82
N ARG D 170 36.78 -9.26 18.16
CA ARG D 170 36.78 -10.32 17.15
C ARG D 170 35.77 -10.04 16.07
N ALA D 171 34.57 -9.56 16.45
CA ALA D 171 33.53 -9.30 15.47
C ALA D 171 34.00 -8.29 14.43
N VAL D 172 34.52 -7.16 14.90
CA VAL D 172 34.94 -6.10 14.00
C VAL D 172 36.17 -6.54 13.21
N GLU D 173 37.07 -7.32 13.82
CA GLU D 173 38.21 -7.85 13.05
C GLU D 173 37.76 -8.80 11.95
N ASN D 174 36.60 -9.42 12.12
CA ASN D 174 36.00 -10.25 11.08
C ASN D 174 35.01 -9.46 10.23
N ASN D 175 35.10 -8.13 10.26
CA ASN D 175 34.31 -7.24 9.41
C ASN D 175 32.82 -7.37 9.68
N ILE D 176 32.47 -7.65 10.94
CA ILE D 176 31.09 -7.74 11.37
C ILE D 176 30.76 -6.47 12.14
N LEU D 177 29.62 -5.85 11.82
CA LEU D 177 29.19 -4.64 12.49
C LEU D 177 28.47 -5.00 13.77
N VAL D 178 28.78 -4.30 14.85
CA VAL D 178 28.20 -4.57 16.17
C VAL D 178 27.45 -3.32 16.62
N VAL D 179 26.15 -3.46 16.84
CA VAL D 179 25.26 -2.36 17.17
C VAL D 179 24.64 -2.60 18.55
N CYS D 180 24.64 -1.59 19.41
CA CYS D 180 24.01 -1.74 20.70
C CYS D 180 23.34 -0.44 21.14
N ALA D 181 22.22 -0.58 21.82
CA ALA D 181 21.57 0.59 22.39
C ALA D 181 22.37 1.14 23.57
N ALA D 182 22.39 2.46 23.67
CA ALA D 182 23.00 3.16 24.81
C ALA D 182 21.89 3.61 25.75
N GLY D 183 21.62 2.80 26.76
CA GLY D 183 20.55 3.13 27.69
C GLY D 183 20.96 4.06 28.82
N SER D 196 25.72 -0.13 30.32
CA SER D 196 26.85 0.67 29.80
C SER D 196 27.67 -0.14 28.80
N TYR D 197 27.97 -1.40 29.14
CA TYR D 197 28.68 -2.31 28.24
C TYR D 197 27.72 -3.34 27.66
N PRO D 198 27.87 -3.72 26.37
CA PRO D 198 29.00 -3.39 25.49
C PRO D 198 28.93 -2.07 24.72
N ALA D 199 27.81 -1.34 24.78
CA ALA D 199 27.67 -0.13 23.96
C ALA D 199 28.84 0.83 24.14
N ALA D 200 29.44 0.87 25.34
CA ALA D 200 30.48 1.86 25.63
C ALA D 200 31.81 1.52 24.98
N TYR D 201 32.00 0.30 24.48
CA TYR D 201 33.26 -0.04 23.85
C TYR D 201 33.43 0.78 22.56
N ASN D 202 34.66 1.23 22.30
CA ASN D 202 34.96 1.99 21.09
C ASN D 202 34.48 1.28 19.83
N GLU D 203 34.59 -0.05 19.81
CA GLU D 203 34.31 -0.80 18.59
C GLU D 203 32.82 -0.85 18.26
N VAL D 204 31.95 -0.60 19.22
CA VAL D 204 30.52 -0.82 19.06
C VAL D 204 29.85 0.44 18.53
N ILE D 205 28.90 0.26 17.61
CA ILE D 205 28.05 1.33 17.10
C ILE D 205 26.93 1.56 18.12
N SER D 206 27.06 2.63 18.90
CA SER D 206 26.16 2.90 20.01
C SER D 206 25.03 3.83 19.56
N VAL D 207 23.79 3.47 19.92
CA VAL D 207 22.61 4.08 19.30
C VAL D 207 21.75 4.77 20.37
N GLY D 208 21.38 6.02 20.12
CA GLY D 208 20.40 6.73 20.89
C GLY D 208 19.10 6.86 20.11
N ALA D 209 18.12 7.49 20.76
CA ALA D 209 16.74 7.49 20.28
C ALA D 209 16.23 8.91 20.11
N ILE D 210 15.34 9.08 19.14
CA ILE D 210 14.61 10.33 18.98
C ILE D 210 13.12 10.03 18.97
N SER D 211 12.34 11.06 19.27
CA SER D 211 10.91 10.94 19.19
C SER D 211 10.46 11.01 17.73
N LEU D 212 9.17 10.72 17.50
CA LEU D 212 8.63 10.85 16.15
C LEU D 212 8.74 12.27 15.64
N ASP D 213 8.92 13.25 16.53
CA ASP D 213 9.07 14.65 16.17
C ASP D 213 10.52 15.06 16.01
N GLY D 214 11.45 14.10 16.00
CA GLY D 214 12.86 14.41 15.85
C GLY D 214 13.50 15.07 17.05
N GLN D 215 13.06 14.73 18.26
CA GLN D 215 13.56 15.39 19.46
C GLN D 215 14.49 14.48 20.24
N GLU D 225 28.39 8.04 24.89
CA GLU D 225 29.12 8.30 23.64
C GLU D 225 28.39 7.67 22.44
N ILE D 226 27.47 8.46 21.87
CA ILE D 226 26.49 8.06 20.87
C ILE D 226 27.11 8.14 19.48
N ASP D 227 26.85 7.15 18.63
CA ASP D 227 27.27 7.24 17.23
C ASP D 227 26.18 7.83 16.34
N VAL D 228 24.93 7.39 16.50
CA VAL D 228 23.80 7.83 15.68
C VAL D 228 22.54 7.73 16.52
N VAL D 229 21.45 8.34 16.05
CA VAL D 229 20.14 8.17 16.66
C VAL D 229 19.15 7.64 15.64
N ALA D 230 18.06 7.07 16.15
CA ALA D 230 17.01 6.49 15.34
C ALA D 230 15.71 6.55 16.12
N PRO D 231 14.56 6.41 15.44
CA PRO D 231 13.28 6.56 16.14
C PRO D 231 13.10 5.50 17.21
N GLY D 232 12.69 5.94 18.40
CA GLY D 232 12.46 5.03 19.50
C GLY D 232 11.15 5.27 20.24
N GLU D 233 10.33 6.20 19.76
CA GLU D 233 9.06 6.52 20.40
C GLU D 233 7.89 5.96 19.59
N LYS D 234 7.03 5.20 20.26
CA LYS D 234 5.79 4.69 19.67
C LYS D 234 6.05 3.87 18.40
N ILE D 235 6.96 2.91 18.53
CA ILE D 235 7.35 2.04 17.43
C ILE D 235 6.41 0.85 17.39
N LEU D 236 5.68 0.72 16.28
CA LEU D 236 4.81 -0.43 16.06
C LEU D 236 5.62 -1.57 15.45
N SER D 237 5.49 -2.78 16.00
CA SER D 237 6.16 -3.94 15.43
C SER D 237 5.45 -5.20 15.92
N THR D 238 6.05 -6.35 15.63
CA THR D 238 5.52 -7.68 15.90
C THR D 238 5.72 -8.11 17.35
N ILE D 239 4.78 -8.88 17.90
CA ILE D 239 4.96 -9.52 19.20
C ILE D 239 4.51 -10.98 19.13
N PRO D 240 4.85 -11.82 20.11
CA PRO D 240 4.50 -13.25 20.00
C PRO D 240 3.01 -13.48 19.85
N GLY D 241 2.67 -14.59 19.21
CA GLY D 241 1.29 -14.97 19.00
C GLY D 241 0.66 -14.36 17.78
N GLY D 242 1.47 -13.88 16.83
CA GLY D 242 0.95 -13.24 15.64
C GLY D 242 0.31 -11.89 15.89
N LYS D 243 0.73 -11.19 16.94
CA LYS D 243 0.13 -9.92 17.34
C LYS D 243 1.07 -8.76 17.01
N PHE D 244 0.70 -7.57 17.49
CA PHE D 244 1.50 -6.36 17.26
C PHE D 244 1.40 -5.47 18.49
N ALA D 245 2.39 -4.59 18.63
CA ALA D 245 2.44 -3.76 19.82
C ALA D 245 3.24 -2.50 19.54
N VAL D 246 2.90 -1.44 20.26
CA VAL D 246 3.58 -0.17 20.15
C VAL D 246 4.46 -0.01 21.38
N PHE D 247 5.78 0.02 21.16
CA PHE D 247 6.77 0.16 22.22
C PHE D 247 7.46 1.52 22.14
N SER D 248 7.90 2.02 23.28
CA SER D 248 8.64 3.28 23.35
C SER D 248 9.85 3.06 24.24
N GLY D 249 11.02 3.48 23.78
CA GLY D 249 12.21 3.24 24.56
C GLY D 249 13.47 3.43 23.74
N THR D 250 14.56 3.68 24.47
CA THR D 250 15.88 3.78 23.84
C THR D 250 16.17 2.56 22.98
N SER D 251 15.86 1.36 23.50
CA SER D 251 16.20 0.14 22.78
C SER D 251 15.44 0.00 21.47
N MET D 252 14.34 0.71 21.32
CA MET D 252 13.62 0.68 20.10
C MET D 252 14.42 1.28 18.91
N ALA D 253 15.39 2.16 19.18
CA ALA D 253 16.12 2.78 18.09
C ALA D 253 17.08 1.80 17.42
N THR D 254 17.67 0.90 18.20
CA THR D 254 18.69 -0.02 17.69
C THR D 254 18.24 -0.83 16.49
N PRO D 255 17.08 -1.48 16.48
CA PRO D 255 16.69 -2.27 15.28
C PRO D 255 16.57 -1.44 14.02
N HIS D 256 16.23 -0.15 14.12
CA HIS D 256 16.23 0.68 12.91
C HIS D 256 17.65 0.80 12.35
N VAL D 257 18.65 0.90 13.23
CA VAL D 257 20.03 1.05 12.77
C VAL D 257 20.53 -0.25 12.15
N SER D 258 20.27 -1.40 12.80
CA SER D 258 20.72 -2.67 12.24
C SER D 258 20.05 -2.97 10.92
N GLY D 259 18.76 -2.64 10.80
CA GLY D 259 18.11 -2.77 9.50
C GLY D 259 18.72 -1.87 8.45
N ALA D 260 18.93 -0.59 8.81
CA ALA D 260 19.51 0.34 7.84
C ALA D 260 20.89 -0.14 7.38
N LEU D 261 21.68 -0.70 8.29
CA LEU D 261 23.01 -1.21 7.90
C LEU D 261 22.88 -2.37 6.91
N ALA D 262 21.82 -3.18 7.02
CA ALA D 262 21.59 -4.23 6.04
C ALA D 262 21.35 -3.64 4.67
N LEU D 263 20.45 -2.64 4.58
CA LEU D 263 20.29 -1.90 3.33
C LEU D 263 21.61 -1.35 2.85
N ILE D 264 22.37 -0.72 3.75
CA ILE D 264 23.58 0.00 3.37
C ILE D 264 24.65 -0.97 2.86
N LYS D 265 24.81 -2.11 3.54
CA LYS D 265 25.82 -3.07 3.11
C LYS D 265 25.50 -3.63 1.73
N GLN D 266 24.23 -3.98 1.48
CA GLN D 266 23.89 -4.52 0.17
C GLN D 266 24.14 -3.49 -0.92
N LEU D 267 23.71 -2.26 -0.67
CA LEU D 267 23.82 -1.22 -1.70
C LEU D 267 25.27 -0.81 -1.90
N SER D 268 26.03 -0.69 -0.80
CA SER D 268 27.40 -0.20 -0.91
C SER D 268 28.32 -1.23 -1.54
N GLU D 269 28.18 -2.50 -1.16
CA GLU D 269 29.02 -3.51 -1.78
C GLU D 269 28.70 -3.68 -3.27
N LYS D 270 27.46 -3.38 -3.67
CA LYS D 270 27.15 -3.38 -5.09
C LYS D 270 27.74 -2.16 -5.80
N GLU D 271 27.59 -0.97 -5.22
CA GLU D 271 28.11 0.23 -5.86
C GLU D 271 29.65 0.23 -5.91
N PHE D 272 30.30 -0.14 -4.81
CA PHE D 272 31.75 -0.24 -4.80
C PHE D 272 32.25 -1.49 -5.50
N GLU D 273 31.37 -2.42 -5.86
CA GLU D 273 31.71 -3.60 -6.65
C GLU D 273 32.75 -4.47 -5.94
N ARG D 274 32.64 -4.61 -4.63
CA ARG D 274 33.52 -5.49 -3.87
C ARG D 274 33.00 -5.60 -2.44
N ASN D 275 33.54 -6.57 -1.70
CA ASN D 275 33.28 -6.66 -0.27
C ASN D 275 33.96 -5.49 0.44
N LEU D 276 33.25 -4.90 1.41
CA LEU D 276 33.75 -3.76 2.16
C LEU D 276 34.10 -4.20 3.58
N THR D 277 35.13 -3.58 4.13
CA THR D 277 35.55 -3.84 5.50
C THR D 277 34.59 -3.14 6.47
N GLU D 278 34.66 -3.54 7.75
CA GLU D 278 33.77 -2.95 8.75
C GLU D 278 33.99 -1.45 8.91
N PRO D 279 35.22 -0.92 8.92
CA PRO D 279 35.36 0.54 8.98
C PRO D 279 34.71 1.26 7.82
N GLU D 280 34.79 0.69 6.60
CA GLU D 280 34.16 1.31 5.44
C GLU D 280 32.63 1.29 5.56
N LEU D 281 32.07 0.16 6.01
CA LEU D 281 30.64 0.05 6.16
C LEU D 281 30.12 1.01 7.24
N TYR D 282 30.88 1.14 8.34
CA TYR D 282 30.54 2.10 9.37
C TYR D 282 30.53 3.52 8.83
N ALA D 283 31.54 3.87 8.02
CA ALA D 283 31.55 5.19 7.37
C ALA D 283 30.37 5.35 6.43
N GLN D 284 29.94 4.26 5.77
CA GLN D 284 28.75 4.38 4.93
C GLN D 284 27.51 4.68 5.77
N LEU D 285 27.45 4.21 7.01
CA LEU D 285 26.33 4.57 7.86
C LEU D 285 26.41 6.05 8.25
N ILE D 286 27.61 6.53 8.59
CA ILE D 286 27.75 7.91 9.04
C ILE D 286 27.51 8.88 7.88
N LYS D 287 27.94 8.51 6.67
CA LYS D 287 27.57 9.28 5.49
C LYS D 287 26.05 9.43 5.38
N ARG D 288 25.31 8.43 5.85
CA ARG D 288 23.85 8.46 5.73
C ARG D 288 23.21 8.81 7.07
N THR D 289 23.55 9.99 7.57
CA THR D 289 22.93 10.53 8.78
C THR D 289 22.53 11.96 8.50
N MET D 290 21.50 12.42 9.23
CA MET D 290 21.00 13.79 9.14
C MET D 290 21.26 14.51 10.46
N PRO D 291 22.06 15.56 10.49
CA PRO D 291 22.21 16.32 11.74
C PRO D 291 20.88 16.96 12.10
N LEU D 292 20.65 17.11 13.40
CA LEU D 292 19.37 17.58 13.92
C LEU D 292 19.48 18.85 14.76
N GLY D 293 20.68 19.36 15.01
CA GLY D 293 20.85 20.59 15.75
C GLY D 293 21.24 20.42 17.21
N PHE D 294 21.16 19.22 17.76
CA PHE D 294 21.53 18.97 19.15
C PHE D 294 23.03 18.81 19.29
N PRO D 295 23.56 18.97 20.50
CA PRO D 295 25.00 18.69 20.71
C PRO D 295 25.35 17.27 20.29
N LYS D 296 26.49 17.14 19.60
CA LYS D 296 26.91 15.84 19.10
C LYS D 296 27.25 14.88 20.23
N ALA D 297 27.57 15.40 21.42
CA ALA D 297 27.64 14.54 22.59
C ALA D 297 26.30 13.89 22.87
N LEU D 298 25.21 14.40 22.32
CA LEU D 298 23.87 13.89 22.58
C LEU D 298 23.25 13.17 21.40
N GLU D 299 23.36 13.72 20.19
CA GLU D 299 22.81 13.09 18.99
C GLU D 299 23.87 12.31 18.19
N GLY D 300 25.13 12.35 18.59
CA GLY D 300 26.18 11.77 17.79
C GLY D 300 26.21 12.39 16.40
N ASN D 301 26.22 11.54 15.38
CA ASN D 301 26.23 12.01 14.00
C ASN D 301 24.85 12.36 13.46
N GLY D 302 23.78 12.18 14.23
CA GLY D 302 22.46 12.54 13.78
C GLY D 302 21.58 11.33 13.49
N LEU D 303 20.47 11.60 12.82
CA LEU D 303 19.45 10.59 12.56
C LEU D 303 19.85 9.75 11.37
N VAL D 304 19.76 8.43 11.50
CA VAL D 304 20.03 7.59 10.33
C VAL D 304 19.06 8.00 9.23
N TYR D 305 19.60 8.38 8.08
CA TYR D 305 18.81 9.00 7.01
C TYR D 305 19.39 8.52 5.69
N LEU D 306 18.76 7.49 5.11
CA LEU D 306 19.41 6.68 4.10
C LEU D 306 19.66 7.41 2.79
N THR D 307 18.90 8.45 2.50
CA THR D 307 19.06 9.18 1.24
C THR D 307 19.97 10.39 1.34
N ALA D 308 20.69 10.57 2.46
CA ALA D 308 21.46 11.81 2.64
C ALA D 308 22.43 12.12 1.49
N PRO D 309 23.24 11.18 0.97
CA PRO D 309 24.14 11.57 -0.13
C PRO D 309 23.42 11.88 -1.43
N ASN D 310 22.23 11.32 -1.67
CA ASN D 310 21.48 11.67 -2.87
C ASN D 310 20.99 13.11 -2.82
N LEU D 311 20.49 13.54 -1.65
CA LEU D 311 20.11 14.94 -1.46
C LEU D 311 21.29 15.87 -1.75
N LEU D 312 22.48 15.53 -1.26
CA LEU D 312 23.65 16.38 -1.44
C LEU D 312 23.97 16.57 -2.92
N SER D 313 23.95 15.49 -3.70
CA SER D 313 24.38 15.54 -5.09
C SER D 313 23.37 16.27 -6.00
#